data_1AHD
#
_entry.id   1AHD
#
_cell.length_a   1.000
_cell.length_b   1.000
_cell.length_c   1.000
_cell.angle_alpha   90.00
_cell.angle_beta   90.00
_cell.angle_gamma   90.00
#
_symmetry.space_group_name_H-M   'P 1'
#
loop_
_entity.id
_entity.type
_entity.pdbx_description
1 polymer "DNA (5'-D(*GP*AP*AP*AP*GP*CP*CP*AP*TP*TP*AP*GP*AP*G)-3')"
2 polymer "DNA (5'-D(*CP*TP*CP*TP*AP*AP*TP*GP*GP*CP*TP*TP*TP*C)-3')"
3 polymer 'Homeotic protein antennapedia'
#
loop_
_entity_poly.entity_id
_entity_poly.type
_entity_poly.pdbx_seq_one_letter_code
_entity_poly.pdbx_strand_id
1 'polydeoxyribonucleotide' (DG)(DA)(DA)(DA)(DG)(DC)(DC)(DA)(DT)(DT)(DA)(DG)(DA)(DG) A
2 'polydeoxyribonucleotide' (DC)(DT)(DC)(DT)(DA)(DA)(DT)(DG)(DG)(DC)(DT)(DT)(DT)(DC) B
3 'polypeptide(L)' MRKRGRQTYTRYQTLELEKEFHFNRYLTRRRRIEIAHALSLTERQIKIWFQNRRMKWKKENKTKGEPG P
#
# COMPACT_ATOMS: atom_id res chain seq x y z
N MET C 1 -18.01 -5.99 -9.74
CA MET C 1 -17.00 -5.58 -8.77
C MET C 1 -17.66 -4.77 -7.65
N ARG C 2 -18.39 -5.42 -6.73
CA ARG C 2 -18.95 -4.76 -5.57
C ARG C 2 -17.87 -4.47 -4.52
N LYS C 3 -16.92 -3.60 -4.84
CA LYS C 3 -16.05 -2.85 -3.96
C LYS C 3 -15.11 -2.05 -4.86
N ARG C 4 -15.14 -0.71 -4.73
CA ARG C 4 -14.38 0.27 -5.50
C ARG C 4 -14.19 -0.21 -6.93
N GLY C 5 -15.30 -0.27 -7.63
CA GLY C 5 -15.41 -0.66 -9.04
C GLY C 5 -14.21 -0.18 -9.86
N ARG C 6 -13.93 1.11 -9.72
CA ARG C 6 -12.71 1.84 -10.04
C ARG C 6 -11.45 0.98 -10.19
N GLN C 7 -11.18 0.30 -9.10
CA GLN C 7 -9.95 -0.37 -8.71
C GLN C 7 -10.24 -1.20 -7.47
N THR C 8 -10.65 -2.45 -7.63
CA THR C 8 -10.69 -3.40 -6.53
C THR C 8 -9.25 -3.86 -6.27
N TYR C 9 -8.64 -3.46 -5.16
CA TYR C 9 -7.36 -4.03 -4.74
C TYR C 9 -7.66 -5.40 -4.11
N THR C 10 -7.28 -6.48 -4.77
CA THR C 10 -7.50 -7.84 -4.29
C THR C 10 -6.46 -8.28 -3.26
N ARG C 11 -6.90 -9.10 -2.31
CA ARG C 11 -6.13 -9.82 -1.31
C ARG C 11 -4.68 -10.05 -1.71
N TYR C 12 -4.40 -10.85 -2.75
CA TYR C 12 -3.04 -11.20 -3.15
C TYR C 12 -2.14 -9.96 -3.21
N GLN C 13 -2.62 -8.88 -3.81
CA GLN C 13 -1.86 -7.65 -3.86
C GLN C 13 -1.66 -7.18 -2.42
N THR C 14 -2.74 -7.05 -1.66
CA THR C 14 -2.75 -6.63 -0.27
C THR C 14 -1.88 -7.52 0.65
N LEU C 15 -1.58 -8.77 0.27
CA LEU C 15 -0.77 -9.68 1.07
C LEU C 15 0.67 -9.16 1.17
N GLU C 16 1.37 -9.20 0.03
CA GLU C 16 2.78 -8.90 0.00
C GLU C 16 3.02 -7.43 0.25
N LEU C 17 2.09 -6.58 -0.21
CA LEU C 17 2.17 -5.15 0.02
C LEU C 17 2.14 -4.85 1.53
N GLU C 18 1.33 -5.56 2.32
CA GLU C 18 1.39 -5.41 3.77
C GLU C 18 2.77 -5.73 4.31
N LYS C 19 3.32 -6.84 3.83
CA LYS C 19 4.60 -7.35 4.27
C LYS C 19 5.71 -6.35 3.95
N GLU C 20 5.74 -5.83 2.71
CA GLU C 20 6.60 -4.71 2.36
C GLU C 20 6.40 -3.56 3.35
N PHE C 21 5.17 -3.08 3.46
CA PHE C 21 4.83 -1.95 4.34
C PHE C 21 5.43 -2.15 5.74
N HIS C 22 5.26 -3.34 6.31
CA HIS C 22 5.81 -3.69 7.60
C HIS C 22 7.31 -3.36 7.65
N PHE C 23 8.05 -3.81 6.65
CA PHE C 23 9.49 -3.59 6.57
C PHE C 23 9.83 -2.12 6.31
N ASN C 24 9.12 -1.51 5.37
CA ASN C 24 9.48 -0.25 4.72
C ASN C 24 8.24 0.44 4.15
N ARG C 25 7.71 1.43 4.89
CA ARG C 25 6.69 2.33 4.40
C ARG C 25 7.29 3.15 3.25
N TYR C 26 8.41 3.80 3.55
CA TYR C 26 9.23 4.54 2.59
C TYR C 26 9.82 3.53 1.61
N LEU C 27 9.63 3.75 0.31
CA LEU C 27 10.44 3.12 -0.72
C LEU C 27 11.33 4.22 -1.27
N THR C 28 12.63 3.98 -1.47
CA THR C 28 13.38 4.86 -2.36
C THR C 28 12.67 4.84 -3.72
N ARG C 29 12.51 6.03 -4.32
CA ARG C 29 11.54 6.34 -5.35
C ARG C 29 11.23 5.17 -6.30
N ARG C 30 12.19 4.83 -7.17
CA ARG C 30 11.96 3.93 -8.28
C ARG C 30 11.86 2.45 -7.86
N ARG C 31 11.96 2.12 -6.57
CA ARG C 31 11.52 0.81 -6.11
C ARG C 31 10.01 0.71 -6.33
N ARG C 32 9.27 1.82 -6.16
CA ARG C 32 7.81 1.84 -6.37
C ARG C 32 7.46 1.23 -7.75
N ILE C 33 8.22 1.60 -8.78
CA ILE C 33 8.04 1.10 -10.14
C ILE C 33 8.16 -0.43 -10.15
N GLU C 34 9.21 -0.94 -9.50
CA GLU C 34 9.50 -2.38 -9.49
C GLU C 34 8.30 -3.14 -8.89
N ILE C 35 7.73 -2.64 -7.79
CA ILE C 35 6.48 -3.18 -7.24
C ILE C 35 5.39 -3.12 -8.32
N ALA C 36 5.21 -1.93 -8.90
CA ALA C 36 4.13 -1.62 -9.82
C ALA C 36 4.03 -2.66 -10.94
N HIS C 37 5.17 -3.05 -11.51
CA HIS C 37 5.21 -4.12 -12.49
C HIS C 37 4.96 -5.47 -11.82
N ALA C 38 5.68 -5.80 -10.74
CA ALA C 38 5.54 -7.08 -10.05
C ALA C 38 4.07 -7.47 -9.77
N LEU C 39 3.23 -6.48 -9.44
CA LEU C 39 1.81 -6.69 -9.12
C LEU C 39 0.85 -6.23 -10.21
N SER C 40 1.32 -5.55 -11.26
CA SER C 40 0.48 -5.08 -12.36
C SER C 40 -0.53 -4.01 -11.93
N LEU C 41 0.01 -2.96 -11.30
CA LEU C 41 -0.67 -1.74 -10.90
C LEU C 41 0.05 -0.58 -11.61
N THR C 42 -0.28 0.67 -11.30
CA THR C 42 0.40 1.86 -11.80
C THR C 42 1.23 2.47 -10.66
N GLU C 43 2.35 3.16 -10.97
CA GLU C 43 3.22 3.78 -9.98
C GLU C 43 2.40 4.52 -8.93
N ARG C 44 1.48 5.37 -9.42
CA ARG C 44 0.49 6.10 -8.66
C ARG C 44 -0.02 5.24 -7.51
N GLN C 45 -0.60 4.10 -7.85
CA GLN C 45 -1.32 3.25 -6.93
C GLN C 45 -0.37 2.68 -5.86
N ILE C 46 0.90 2.45 -6.20
CA ILE C 46 1.88 1.98 -5.22
C ILE C 46 2.29 3.12 -4.28
N LYS C 47 2.21 4.39 -4.69
CA LYS C 47 2.26 5.46 -3.70
C LYS C 47 1.02 5.32 -2.83
N ILE C 48 -0.14 5.41 -3.45
CA ILE C 48 -1.41 5.67 -2.81
C ILE C 48 -1.74 4.62 -1.77
N TRP C 49 -1.70 3.34 -2.12
CA TRP C 49 -2.00 2.28 -1.17
C TRP C 49 -1.19 2.47 0.11
N PHE C 50 0.11 2.74 -0.05
CA PHE C 50 1.03 2.93 1.06
C PHE C 50 0.70 4.23 1.79
N GLN C 51 0.52 5.33 1.07
CA GLN C 51 0.20 6.65 1.64
C GLN C 51 -1.03 6.49 2.53
N ASN C 52 -2.12 6.03 1.93
CA ASN C 52 -3.37 5.74 2.60
C ASN C 52 -3.19 4.92 3.87
N ARG C 53 -2.51 3.77 3.76
CA ARG C 53 -2.17 2.97 4.93
C ARG C 53 -1.44 3.82 5.98
N ARG C 54 -0.33 4.48 5.62
CA ARG C 54 0.47 5.32 6.52
C ARG C 54 -0.40 6.30 7.30
N MET C 55 -1.15 7.11 6.56
CA MET C 55 -2.02 8.16 7.10
C MET C 55 -2.76 7.65 8.34
N LYS C 56 -3.55 6.58 8.16
CA LYS C 56 -4.34 6.02 9.23
C LYS C 56 -3.42 5.38 10.28
N TRP C 57 -2.49 4.53 9.83
CA TRP C 57 -1.52 3.82 10.65
C TRP C 57 -0.89 4.74 11.71
N LYS C 58 -0.58 5.98 11.36
CA LYS C 58 -0.03 6.94 12.31
C LYS C 58 -0.99 7.13 13.49
N LYS C 59 -2.26 7.44 13.23
CA LYS C 59 -3.25 7.58 14.30
C LYS C 59 -3.30 6.29 15.13
N GLU C 60 -3.29 5.13 14.47
CA GLU C 60 -3.61 3.86 15.11
C GLU C 60 -2.46 3.28 15.94
N ASN C 61 -1.23 3.28 15.44
CA ASN C 61 -0.18 2.35 15.86
C ASN C 61 0.59 2.86 17.08
N LYS C 62 -0.14 2.97 18.18
CA LYS C 62 0.36 3.24 19.53
C LYS C 62 1.22 4.50 19.55
N THR C 63 0.63 5.61 19.16
CA THR C 63 1.32 6.90 19.06
C THR C 63 0.90 7.81 20.22
N LYS C 64 1.25 7.43 21.45
CA LYS C 64 1.25 8.39 22.53
C LYS C 64 2.36 9.43 22.27
N GLY C 65 2.47 10.45 23.13
CA GLY C 65 3.47 11.50 23.00
C GLY C 65 3.06 12.53 21.95
N GLU C 66 2.60 12.05 20.79
CA GLU C 66 1.97 12.79 19.71
C GLU C 66 1.22 14.02 20.27
N PRO C 67 1.59 15.26 19.88
CA PRO C 67 1.00 16.47 20.43
C PRO C 67 -0.52 16.37 20.52
N GLY C 68 -1.09 16.57 21.71
CA GLY C 68 -2.51 16.44 21.95
C GLY C 68 -2.68 15.54 23.16
N MET C 1 -11.32 5.74 -21.13
CA MET C 1 -10.45 4.59 -20.92
C MET C 1 -9.96 4.57 -19.48
N ARG C 2 -9.43 5.71 -19.03
CA ARG C 2 -8.84 5.88 -17.71
C ARG C 2 -9.82 5.39 -16.63
N LYS C 3 -9.39 4.39 -15.86
CA LYS C 3 -10.25 3.71 -14.93
C LYS C 3 -10.81 4.66 -13.87
N ARG C 4 -12.00 4.33 -13.37
CA ARG C 4 -12.49 4.79 -12.09
C ARG C 4 -12.71 3.51 -11.29
N GLY C 5 -12.65 3.57 -9.97
CA GLY C 5 -13.15 2.50 -9.13
C GLY C 5 -13.00 2.90 -7.68
N ARG C 6 -13.62 2.17 -6.75
CA ARG C 6 -13.07 1.98 -5.43
C ARG C 6 -12.47 0.57 -5.41
N GLN C 7 -12.15 0.02 -4.24
CA GLN C 7 -11.27 -1.14 -4.16
C GLN C 7 -11.44 -1.85 -2.82
N THR C 8 -11.99 -3.06 -2.82
CA THR C 8 -11.72 -4.04 -1.79
C THR C 8 -10.56 -4.90 -2.28
N TYR C 9 -9.35 -4.46 -1.97
CA TYR C 9 -8.09 -5.10 -2.40
C TYR C 9 -8.14 -6.60 -2.12
N THR C 10 -7.47 -7.41 -2.95
CA THR C 10 -7.43 -8.85 -2.72
C THR C 10 -6.59 -9.18 -1.48
N ARG C 11 -6.82 -10.35 -0.88
CA ARG C 11 -5.95 -10.88 0.16
C ARG C 11 -4.53 -10.93 -0.39
N TYR C 12 -4.35 -11.55 -1.55
CA TYR C 12 -3.07 -11.67 -2.23
C TYR C 12 -2.32 -10.33 -2.26
N GLN C 13 -2.94 -9.28 -2.77
CA GLN C 13 -2.30 -7.97 -2.82
C GLN C 13 -1.92 -7.52 -1.42
N THR C 14 -2.90 -7.46 -0.52
CA THR C 14 -2.69 -6.97 0.83
C THR C 14 -1.53 -7.72 1.52
N LEU C 15 -1.42 -9.02 1.29
CA LEU C 15 -0.43 -9.88 1.94
C LEU C 15 1.00 -9.37 1.80
N GLU C 16 1.46 -9.13 0.56
CA GLU C 16 2.84 -8.75 0.35
C GLU C 16 3.04 -7.26 0.60
N LEU C 17 2.00 -6.48 0.35
CA LEU C 17 2.01 -5.08 0.71
C LEU C 17 2.29 -4.92 2.21
N GLU C 18 1.55 -5.63 3.07
CA GLU C 18 1.86 -5.68 4.50
C GLU C 18 3.27 -6.19 4.76
N LYS C 19 3.70 -7.20 4.00
CA LYS C 19 5.04 -7.74 4.12
C LYS C 19 6.07 -6.61 3.99
N GLU C 20 6.12 -5.90 2.86
CA GLU C 20 7.08 -4.80 2.70
C GLU C 20 6.88 -3.75 3.80
N PHE C 21 5.64 -3.45 4.16
CA PHE C 21 5.33 -2.46 5.21
C PHE C 21 6.01 -2.81 6.55
N HIS C 22 6.05 -4.10 6.88
CA HIS C 22 6.73 -4.61 8.07
C HIS C 22 8.25 -4.64 7.84
N PHE C 23 8.66 -5.22 6.72
CA PHE C 23 10.04 -5.60 6.42
C PHE C 23 10.93 -4.36 6.21
N ASN C 24 10.36 -3.35 5.58
CA ASN C 24 10.92 -2.01 5.44
C ASN C 24 9.79 -1.03 5.71
N ARG C 25 9.30 -0.27 4.73
CA ARG C 25 8.15 0.58 4.96
C ARG C 25 7.52 0.96 3.64
N TYR C 26 8.33 1.49 2.72
CA TYR C 26 7.85 2.33 1.65
C TYR C 26 8.40 1.93 0.28
N LEU C 27 9.07 0.78 0.20
CA LEU C 27 9.81 0.31 -0.96
C LEU C 27 11.07 1.15 -1.14
N THR C 28 12.12 0.57 -1.69
CA THR C 28 13.41 1.21 -1.88
C THR C 28 13.28 2.33 -2.92
N ARG C 29 13.14 1.90 -4.18
CA ARG C 29 12.83 2.73 -5.33
C ARG C 29 12.27 1.81 -6.41
N ARG C 30 13.07 1.19 -7.30
CA ARG C 30 12.49 0.34 -8.36
C ARG C 30 11.51 -0.73 -7.82
N ARG C 31 11.72 -1.26 -6.62
CA ARG C 31 10.76 -2.19 -5.98
C ARG C 31 9.31 -1.68 -6.13
N ARG C 32 9.05 -0.37 -6.07
CA ARG C 32 7.78 0.26 -6.34
C ARG C 32 7.21 -0.23 -7.68
N ILE C 33 7.99 -0.08 -8.74
CA ILE C 33 7.63 -0.50 -10.08
C ILE C 33 7.38 -2.00 -10.08
N GLU C 34 8.31 -2.77 -9.50
CA GLU C 34 8.26 -4.22 -9.55
C GLU C 34 7.03 -4.77 -8.80
N ILE C 35 6.67 -4.16 -7.67
CA ILE C 35 5.42 -4.41 -6.94
C ILE C 35 4.25 -4.13 -7.88
N ALA C 36 4.19 -2.90 -8.40
CA ALA C 36 3.13 -2.45 -9.26
C ALA C 36 2.90 -3.44 -10.41
N HIS C 37 3.97 -3.87 -11.08
CA HIS C 37 3.90 -4.83 -12.17
C HIS C 37 3.35 -6.17 -11.67
N ALA C 38 3.96 -6.72 -10.61
CA ALA C 38 3.57 -7.99 -10.03
C ALA C 38 2.07 -8.02 -9.75
N LEU C 39 1.62 -7.10 -8.90
CA LEU C 39 0.22 -6.95 -8.54
C LEU C 39 -0.62 -6.44 -9.73
N SER C 40 0.04 -5.89 -10.74
CA SER C 40 -0.53 -5.39 -11.98
C SER C 40 -1.45 -4.19 -11.71
N LEU C 41 -1.04 -3.35 -10.77
CA LEU C 41 -1.68 -2.09 -10.43
C LEU C 41 -0.76 -0.96 -10.92
N THR C 42 -1.17 0.29 -10.71
CA THR C 42 -0.42 1.46 -11.09
C THR C 42 0.53 1.86 -9.95
N GLU C 43 1.71 2.42 -10.27
CA GLU C 43 2.58 3.02 -9.26
C GLU C 43 1.76 3.93 -8.34
N ARG C 44 0.88 4.74 -8.95
CA ARG C 44 -0.03 5.61 -8.21
C ARG C 44 -0.69 4.84 -7.07
N GLN C 45 -1.56 3.88 -7.39
CA GLN C 45 -2.35 3.20 -6.40
C GLN C 45 -1.46 2.60 -5.31
N ILE C 46 -0.32 2.00 -5.71
CA ILE C 46 0.65 1.50 -4.74
C ILE C 46 1.06 2.62 -3.79
N LYS C 47 1.50 3.76 -4.32
CA LYS C 47 1.85 4.91 -3.48
C LYS C 47 0.69 5.25 -2.56
N ILE C 48 -0.53 5.35 -3.08
CA ILE C 48 -1.71 5.67 -2.28
C ILE C 48 -1.91 4.66 -1.15
N TRP C 49 -1.78 3.36 -1.41
CA TRP C 49 -1.80 2.35 -0.35
C TRP C 49 -0.76 2.70 0.71
N PHE C 50 0.51 2.79 0.33
CA PHE C 50 1.61 2.96 1.29
C PHE C 50 1.41 4.23 2.10
N GLN C 51 1.16 5.34 1.41
CA GLN C 51 0.74 6.61 1.97
C GLN C 51 -0.34 6.38 3.03
N ASN C 52 -1.52 5.93 2.60
CA ASN C 52 -2.69 5.93 3.48
C ASN C 52 -2.53 4.97 4.66
N ARG C 53 -1.94 3.79 4.42
CA ARG C 53 -1.58 2.87 5.48
C ARG C 53 -0.69 3.59 6.49
N ARG C 54 0.42 4.19 6.05
CA ARG C 54 1.38 4.84 6.95
C ARG C 54 0.69 5.90 7.82
N MET C 55 -0.25 6.64 7.23
CA MET C 55 -1.04 7.62 7.95
C MET C 55 -1.92 6.91 8.99
N LYS C 56 -2.60 5.83 8.60
CA LYS C 56 -3.54 5.07 9.42
C LYS C 56 -2.86 3.90 10.12
N TRP C 57 -1.66 4.16 10.62
CA TRP C 57 -0.81 3.21 11.27
C TRP C 57 0.00 3.96 12.32
N LYS C 58 0.25 3.20 13.38
CA LYS C 58 1.01 3.35 14.61
C LYS C 58 0.17 2.76 15.73
N LYS C 59 -0.98 3.36 16.05
CA LYS C 59 -1.93 2.77 16.98
C LYS C 59 -2.32 1.37 16.49
N GLU C 60 -2.89 1.29 15.28
CA GLU C 60 -3.29 0.05 14.65
C GLU C 60 -2.09 -0.55 13.91
N ASN C 61 -0.97 -0.73 14.60
CA ASN C 61 0.27 -1.21 14.01
C ASN C 61 0.07 -2.45 13.14
N LYS C 62 -0.58 -3.48 13.66
CA LYS C 62 -1.09 -4.60 12.93
C LYS C 62 -2.60 -4.49 13.16
N THR C 63 -3.37 -5.09 12.29
CA THR C 63 -4.73 -5.45 12.64
C THR C 63 -4.58 -6.47 13.78
N LYS C 64 -5.07 -6.12 14.97
CA LYS C 64 -4.84 -6.92 16.17
C LYS C 64 -5.94 -7.99 16.18
N GLY C 65 -5.92 -8.84 15.15
CA GLY C 65 -6.99 -9.79 14.87
C GLY C 65 -7.00 -10.89 15.92
N GLU C 66 -5.84 -11.46 16.23
CA GLU C 66 -5.75 -12.47 17.26
C GLU C 66 -6.28 -11.89 18.58
N PRO C 67 -7.23 -12.54 19.27
CA PRO C 67 -7.66 -12.10 20.59
C PRO C 67 -6.54 -12.35 21.61
N GLY C 68 -6.76 -11.93 22.86
CA GLY C 68 -5.80 -12.13 23.93
C GLY C 68 -4.63 -11.15 23.76
N MET C 1 -13.58 5.84 -22.79
CA MET C 1 -14.76 5.34 -23.50
C MET C 1 -15.89 5.08 -22.50
N ARG C 2 -15.60 4.28 -21.48
CA ARG C 2 -16.57 3.89 -20.46
C ARG C 2 -16.46 4.87 -19.30
N LYS C 3 -17.45 4.91 -18.41
CA LYS C 3 -17.41 5.80 -17.25
C LYS C 3 -16.16 5.49 -16.41
N ARG C 4 -15.77 6.40 -15.54
CA ARG C 4 -14.93 6.10 -14.39
C ARG C 4 -15.63 5.01 -13.56
N GLY C 5 -14.86 4.29 -12.76
CA GLY C 5 -15.38 3.34 -11.78
C GLY C 5 -14.24 3.05 -10.81
N ARG C 6 -14.53 2.46 -9.66
CA ARG C 6 -13.50 2.08 -8.69
C ARG C 6 -13.09 0.62 -8.91
N GLN C 7 -11.84 0.29 -8.57
CA GLN C 7 -11.35 -1.06 -8.53
C GLN C 7 -11.77 -1.73 -7.21
N THR C 8 -11.38 -2.99 -7.05
CA THR C 8 -11.53 -3.76 -5.82
C THR C 8 -10.37 -4.76 -5.81
N TYR C 9 -9.86 -5.10 -4.62
CA TYR C 9 -8.66 -5.93 -4.48
C TYR C 9 -9.02 -7.34 -4.04
N THR C 10 -8.23 -8.33 -4.50
CA THR C 10 -8.45 -9.73 -4.18
C THR C 10 -8.10 -9.97 -2.69
N ARG C 11 -6.84 -10.31 -2.44
CA ARG C 11 -6.20 -10.44 -1.14
C ARG C 11 -4.71 -10.68 -1.39
N TYR C 12 -4.38 -11.57 -2.33
CA TYR C 12 -3.03 -11.81 -2.83
C TYR C 12 -2.29 -10.50 -3.06
N GLN C 13 -2.96 -9.57 -3.75
CA GLN C 13 -2.39 -8.29 -4.11
C GLN C 13 -1.98 -7.57 -2.83
N THR C 14 -2.94 -7.39 -1.93
CA THR C 14 -2.78 -6.65 -0.70
C THR C 14 -1.77 -7.31 0.24
N LEU C 15 -1.72 -8.65 0.27
CA LEU C 15 -0.86 -9.40 1.18
C LEU C 15 0.61 -8.98 1.07
N GLU C 16 1.12 -8.87 -0.16
CA GLU C 16 2.44 -8.30 -0.45
C GLU C 16 2.62 -7.00 0.31
N LEU C 17 1.65 -6.12 0.15
CA LEU C 17 1.80 -4.73 0.51
C LEU C 17 1.72 -4.60 2.03
N GLU C 18 0.84 -5.39 2.68
CA GLU C 18 0.87 -5.53 4.13
C GLU C 18 2.24 -6.05 4.59
N LYS C 19 2.83 -7.03 3.88
CA LYS C 19 4.18 -7.51 4.20
C LYS C 19 5.19 -6.36 4.10
N GLU C 20 5.18 -5.59 3.00
CA GLU C 20 6.10 -4.47 2.83
C GLU C 20 5.96 -3.52 4.01
N PHE C 21 4.73 -3.12 4.31
CA PHE C 21 4.44 -2.14 5.35
C PHE C 21 5.00 -2.62 6.70
N HIS C 22 4.79 -3.91 6.99
CA HIS C 22 5.33 -4.57 8.16
C HIS C 22 6.87 -4.63 8.11
N PHE C 23 7.45 -4.73 6.90
CA PHE C 23 8.89 -4.67 6.72
C PHE C 23 9.40 -3.27 7.08
N ASN C 24 9.08 -2.27 6.26
CA ASN C 24 9.32 -0.87 6.56
C ASN C 24 8.46 0.00 5.65
N ARG C 25 8.74 1.30 5.56
CA ARG C 25 7.90 2.26 4.87
C ARG C 25 8.59 2.94 3.68
N TYR C 26 9.92 3.07 3.70
CA TYR C 26 10.68 3.75 2.67
C TYR C 26 11.13 2.73 1.64
N LEU C 27 10.24 2.31 0.74
CA LEU C 27 10.66 1.44 -0.36
C LEU C 27 11.80 2.10 -1.15
N THR C 28 12.67 1.29 -1.73
CA THR C 28 13.58 1.69 -2.78
C THR C 28 12.76 1.88 -4.08
N ARG C 29 13.29 2.67 -5.02
CA ARG C 29 12.60 2.87 -6.30
C ARG C 29 12.56 1.53 -7.00
N ARG C 30 13.71 0.85 -7.12
CA ARG C 30 13.77 -0.51 -7.61
C ARG C 30 13.30 -1.53 -6.55
N ARG C 31 12.24 -1.20 -5.81
CA ARG C 31 11.24 -2.18 -5.40
C ARG C 31 9.87 -1.62 -5.76
N ARG C 32 9.62 -0.35 -5.44
CA ARG C 32 8.32 0.27 -5.57
C ARG C 32 7.84 0.31 -7.03
N ILE C 33 8.77 0.39 -7.99
CA ILE C 33 8.43 0.16 -9.40
C ILE C 33 7.95 -1.29 -9.53
N GLU C 34 8.85 -2.20 -9.15
CA GLU C 34 8.75 -3.63 -9.37
C GLU C 34 7.39 -4.14 -8.90
N ILE C 35 7.02 -3.79 -7.67
CA ILE C 35 5.72 -4.00 -7.01
C ILE C 35 4.58 -3.70 -7.99
N ALA C 36 4.53 -2.45 -8.44
CA ALA C 36 3.45 -1.95 -9.29
C ALA C 36 3.22 -2.87 -10.48
N HIS C 37 4.30 -3.19 -11.19
CA HIS C 37 4.23 -4.09 -12.34
C HIS C 37 3.83 -5.51 -11.89
N ALA C 38 4.40 -5.97 -10.77
CA ALA C 38 4.22 -7.32 -10.26
C ALA C 38 2.75 -7.62 -9.96
N LEU C 39 2.01 -6.65 -9.42
CA LEU C 39 0.57 -6.78 -9.19
C LEU C 39 -0.25 -6.27 -10.38
N SER C 40 0.38 -5.54 -11.30
CA SER C 40 -0.32 -4.71 -12.29
C SER C 40 -1.33 -3.80 -11.59
N LEU C 41 -0.79 -2.87 -10.83
CA LEU C 41 -1.48 -1.70 -10.30
C LEU C 41 -0.59 -0.51 -10.65
N THR C 42 -1.15 0.69 -10.74
CA THR C 42 -0.35 1.86 -11.12
C THR C 42 0.61 2.18 -9.97
N GLU C 43 1.78 2.77 -10.25
CA GLU C 43 2.64 3.28 -9.21
C GLU C 43 1.89 4.31 -8.38
N ARG C 44 1.05 5.12 -9.03
CA ARG C 44 0.02 5.92 -8.40
C ARG C 44 -0.66 5.12 -7.28
N GLN C 45 -1.43 4.10 -7.61
CA GLN C 45 -2.17 3.33 -6.61
C GLN C 45 -1.23 2.75 -5.56
N ILE C 46 -0.03 2.30 -5.92
CA ILE C 46 0.93 1.82 -4.92
C ILE C 46 1.24 2.94 -3.92
N LYS C 47 1.69 4.11 -4.39
CA LYS C 47 1.98 5.26 -3.53
C LYS C 47 0.79 5.47 -2.60
N ILE C 48 -0.40 5.63 -3.18
CA ILE C 48 -1.63 5.94 -2.47
C ILE C 48 -1.93 4.89 -1.40
N TRP C 49 -1.86 3.60 -1.73
CA TRP C 49 -2.10 2.54 -0.76
C TRP C 49 -1.20 2.77 0.46
N PHE C 50 0.10 2.94 0.21
CA PHE C 50 1.06 3.15 1.29
C PHE C 50 0.74 4.44 2.03
N GLN C 51 0.47 5.54 1.33
CA GLN C 51 0.08 6.82 1.90
C GLN C 51 -1.06 6.61 2.90
N ASN C 52 -2.17 6.02 2.43
CA ASN C 52 -3.39 5.84 3.23
C ASN C 52 -3.00 5.17 4.55
N ARG C 53 -2.26 4.06 4.44
CA ARG C 53 -1.87 3.25 5.56
C ARG C 53 -0.97 4.06 6.52
N ARG C 54 0.13 4.60 5.99
CA ARG C 54 1.15 5.33 6.75
C ARG C 54 0.51 6.45 7.58
N MET C 55 -0.40 7.22 6.98
CA MET C 55 -1.21 8.20 7.69
C MET C 55 -1.90 7.54 8.90
N LYS C 56 -2.93 6.72 8.66
CA LYS C 56 -3.80 6.25 9.75
C LYS C 56 -3.00 5.57 10.87
N TRP C 57 -2.04 4.74 10.46
CA TRP C 57 -1.14 3.96 11.29
C TRP C 57 -0.50 4.77 12.43
N LYS C 58 -0.29 6.07 12.25
CA LYS C 58 0.24 6.94 13.30
C LYS C 58 -0.45 6.69 14.64
N LYS C 59 -1.77 6.83 14.69
CA LYS C 59 -2.49 6.64 15.94
C LYS C 59 -2.37 5.18 16.39
N GLU C 60 -2.89 4.26 15.57
CA GLU C 60 -2.94 2.86 15.92
C GLU C 60 -1.63 2.31 16.48
N ASN C 61 -0.49 2.59 15.84
CA ASN C 61 0.76 1.91 16.19
C ASN C 61 1.25 2.24 17.61
N LYS C 62 0.95 3.43 18.14
CA LYS C 62 1.26 3.79 19.52
C LYS C 62 0.05 3.66 20.45
N THR C 63 -1.17 3.38 19.96
CA THR C 63 -2.25 3.03 20.86
C THR C 63 -1.87 1.65 21.42
N LYS C 64 -1.29 1.62 22.62
CA LYS C 64 -0.45 0.54 23.14
C LYS C 64 0.78 0.47 22.25
N GLY C 65 1.89 1.08 22.65
CA GLY C 65 3.13 1.06 21.88
C GLY C 65 4.12 0.11 22.55
N GLU C 66 4.80 0.60 23.59
CA GLU C 66 5.89 -0.09 24.25
C GLU C 66 5.72 -0.11 25.78
N PRO C 67 4.72 -0.83 26.31
CA PRO C 67 4.73 -1.21 27.71
C PRO C 67 5.97 -2.07 27.95
N GLY C 68 6.03 -3.26 27.35
CA GLY C 68 7.19 -4.12 27.45
C GLY C 68 6.96 -5.33 26.56
N MET C 1 -2.59 17.16 -15.81
CA MET C 1 -2.77 16.40 -14.58
C MET C 1 -4.29 16.16 -14.37
N ARG C 2 -4.67 15.63 -13.21
CA ARG C 2 -6.05 15.56 -12.72
C ARG C 2 -6.95 14.62 -13.53
N LYS C 3 -7.19 13.42 -13.00
CA LYS C 3 -8.28 12.55 -13.42
C LYS C 3 -8.54 11.50 -12.34
N ARG C 4 -9.43 11.81 -11.40
CA ARG C 4 -9.75 10.90 -10.31
C ARG C 4 -10.31 9.57 -10.82
N GLY C 5 -10.44 8.56 -9.95
CA GLY C 5 -11.07 7.31 -10.36
C GLY C 5 -10.65 6.09 -9.53
N ARG C 6 -11.16 6.01 -8.30
CA ARG C 6 -11.02 4.83 -7.45
C ARG C 6 -11.67 3.60 -8.13
N GLN C 7 -10.99 2.46 -8.13
CA GLN C 7 -11.48 1.19 -8.63
C GLN C 7 -11.95 0.30 -7.48
N THR C 8 -12.52 -0.85 -7.81
CA THR C 8 -12.72 -1.97 -6.90
C THR C 8 -11.49 -2.87 -7.01
N TYR C 9 -10.66 -2.89 -5.97
CA TYR C 9 -9.52 -3.79 -5.88
C TYR C 9 -10.03 -5.19 -5.56
N THR C 10 -9.21 -6.21 -5.79
CA THR C 10 -9.50 -7.54 -5.31
C THR C 10 -8.99 -7.63 -3.86
N ARG C 11 -9.48 -8.58 -3.06
CA ARG C 11 -8.84 -8.83 -1.78
C ARG C 11 -7.43 -9.35 -2.04
N TYR C 12 -7.35 -10.36 -2.90
CA TYR C 12 -6.13 -11.05 -3.28
C TYR C 12 -4.93 -10.10 -3.42
N GLN C 13 -5.03 -9.07 -4.25
CA GLN C 13 -3.88 -8.20 -4.48
C GLN C 13 -3.53 -7.41 -3.22
N THR C 14 -4.55 -6.86 -2.55
CA THR C 14 -4.39 -6.17 -1.28
C THR C 14 -3.65 -7.07 -0.27
N LEU C 15 -4.00 -8.35 -0.22
CA LEU C 15 -3.48 -9.29 0.78
C LEU C 15 -1.94 -9.27 0.88
N GLU C 16 -1.23 -9.34 -0.24
CA GLU C 16 0.23 -9.32 -0.19
C GLU C 16 0.75 -7.90 0.06
N LEU C 17 0.00 -6.90 -0.40
CA LEU C 17 0.26 -5.51 -0.12
C LEU C 17 0.30 -5.28 1.39
N GLU C 18 -0.69 -5.78 2.14
CA GLU C 18 -0.67 -5.72 3.60
C GLU C 18 0.61 -6.33 4.16
N LYS C 19 1.03 -7.48 3.63
CA LYS C 19 2.24 -8.17 4.06
C LYS C 19 3.52 -7.39 3.72
N GLU C 20 3.52 -6.64 2.61
CA GLU C 20 4.61 -5.72 2.30
C GLU C 20 4.62 -4.60 3.34
N PHE C 21 3.45 -4.10 3.73
CA PHE C 21 3.38 -3.08 4.78
C PHE C 21 3.74 -3.66 6.15
N HIS C 22 3.54 -4.96 6.34
CA HIS C 22 3.98 -5.64 7.54
C HIS C 22 5.51 -5.64 7.57
N PHE C 23 6.13 -6.12 6.49
CA PHE C 23 7.58 -6.20 6.36
C PHE C 23 8.22 -4.82 6.49
N ASN C 24 7.69 -3.85 5.78
CA ASN C 24 8.38 -2.62 5.42
C ASN C 24 7.44 -1.42 5.61
N ARG C 25 7.97 -0.21 5.65
CA ARG C 25 7.18 1.00 5.55
C ARG C 25 7.55 1.77 4.28
N TYR C 26 8.83 2.09 4.12
CA TYR C 26 9.37 2.90 3.03
C TYR C 26 9.86 1.99 1.91
N LEU C 27 9.11 1.84 0.83
CA LEU C 27 9.58 1.09 -0.31
C LEU C 27 10.77 1.84 -0.91
N THR C 28 11.84 1.14 -1.25
CA THR C 28 12.89 1.71 -2.06
C THR C 28 12.28 1.92 -3.45
N ARG C 29 12.16 3.18 -3.90
CA ARG C 29 11.89 3.59 -5.26
C ARG C 29 11.19 2.53 -6.11
N ARG C 30 11.96 1.81 -6.91
CA ARG C 30 11.43 0.98 -7.98
C ARG C 30 10.70 -0.24 -7.43
N ARG C 31 10.92 -0.64 -6.19
CA ARG C 31 10.09 -1.66 -5.54
C ARG C 31 8.61 -1.34 -5.80
N ARG C 32 8.19 -0.08 -5.70
CA ARG C 32 6.79 0.26 -5.93
C ARG C 32 6.33 -0.11 -7.35
N ILE C 33 7.19 0.09 -8.35
CA ILE C 33 6.93 -0.25 -9.73
C ILE C 33 6.88 -1.77 -9.89
N GLU C 34 7.84 -2.48 -9.29
CA GLU C 34 7.90 -3.92 -9.37
C GLU C 34 6.62 -4.54 -8.75
N ILE C 35 6.25 -4.08 -7.55
CA ILE C 35 4.98 -4.37 -6.89
C ILE C 35 3.83 -4.11 -7.87
N ALA C 36 3.77 -2.88 -8.38
CA ALA C 36 2.72 -2.44 -9.29
C ALA C 36 2.51 -3.44 -10.42
N HIS C 37 3.59 -3.80 -11.13
CA HIS C 37 3.54 -4.78 -12.20
C HIS C 37 3.00 -6.11 -11.67
N ALA C 38 3.58 -6.60 -10.57
CA ALA C 38 3.20 -7.86 -9.94
C ALA C 38 1.69 -7.93 -9.69
N LEU C 39 1.15 -6.92 -9.01
CA LEU C 39 -0.27 -6.82 -8.73
C LEU C 39 -1.08 -6.49 -9.98
N SER C 40 -0.43 -5.94 -11.01
CA SER C 40 -1.03 -5.46 -12.24
C SER C 40 -1.93 -4.25 -11.96
N LEU C 41 -1.35 -3.28 -11.27
CA LEU C 41 -1.86 -1.93 -11.09
C LEU C 41 -0.87 -0.98 -11.78
N THR C 42 -0.77 0.27 -11.32
CA THR C 42 0.30 1.16 -11.72
C THR C 42 0.95 1.71 -10.46
N GLU C 43 2.17 2.26 -10.57
CA GLU C 43 2.91 2.74 -9.42
C GLU C 43 2.15 3.81 -8.61
N ARG C 44 1.41 4.69 -9.30
CA ARG C 44 0.46 5.59 -8.65
C ARG C 44 -0.25 4.91 -7.48
N GLN C 45 -1.02 3.87 -7.80
CA GLN C 45 -1.83 3.16 -6.81
C GLN C 45 -0.98 2.76 -5.61
N ILE C 46 0.16 2.14 -5.86
CA ILE C 46 0.99 1.61 -4.79
C ILE C 46 1.46 2.76 -3.90
N LYS C 47 1.92 3.85 -4.52
CA LYS C 47 2.33 5.04 -3.79
C LYS C 47 1.20 5.47 -2.85
N ILE C 48 0.01 5.69 -3.39
CA ILE C 48 -1.12 6.15 -2.60
C ILE C 48 -1.40 5.19 -1.46
N TRP C 49 -1.44 3.89 -1.76
CA TRP C 49 -1.76 2.88 -0.78
C TRP C 49 -0.87 3.05 0.45
N PHE C 50 0.45 2.99 0.26
CA PHE C 50 1.38 3.11 1.38
C PHE C 50 1.30 4.48 2.01
N GLN C 51 1.40 5.54 1.21
CA GLN C 51 1.27 6.93 1.66
C GLN C 51 0.13 7.07 2.66
N ASN C 52 -1.05 6.61 2.26
CA ASN C 52 -2.26 6.81 3.04
C ASN C 52 -2.20 5.90 4.28
N ARG C 53 -2.03 4.59 4.08
CA ARG C 53 -2.01 3.59 5.14
C ARG C 53 -0.99 3.96 6.25
N ARG C 54 0.19 4.46 5.87
CA ARG C 54 1.26 4.84 6.79
C ARG C 54 0.84 5.89 7.82
N MET C 55 -0.26 6.60 7.60
CA MET C 55 -0.84 7.47 8.60
C MET C 55 -1.51 6.58 9.66
N LYS C 56 -2.63 5.97 9.26
CA LYS C 56 -3.56 5.25 10.11
C LYS C 56 -2.90 4.24 11.05
N TRP C 57 -1.90 3.54 10.51
CA TRP C 57 -0.96 2.66 11.20
C TRP C 57 -0.70 3.11 12.65
N LYS C 58 -0.48 4.41 12.87
CA LYS C 58 -0.20 4.94 14.19
C LYS C 58 -1.49 4.97 15.01
N LYS C 59 -1.94 3.79 15.42
CA LYS C 59 -3.13 3.39 16.18
C LYS C 59 -3.63 2.06 15.61
N GLU C 60 -3.89 1.98 14.30
CA GLU C 60 -4.36 0.75 13.65
C GLU C 60 -3.41 -0.44 13.87
N ASN C 61 -2.12 -0.16 14.04
CA ASN C 61 -1.14 -1.23 14.16
C ASN C 61 -1.28 -1.97 15.49
N LYS C 62 -1.73 -1.28 16.55
CA LYS C 62 -1.99 -1.83 17.87
C LYS C 62 -0.77 -2.51 18.52
N THR C 63 0.42 -2.32 17.97
CA THR C 63 1.65 -2.75 18.60
C THR C 63 1.78 -1.99 19.92
N LYS C 64 2.01 -2.72 21.01
CA LYS C 64 1.97 -2.21 22.37
C LYS C 64 0.72 -1.34 22.63
N GLY C 65 -0.42 -1.64 22.00
CA GLY C 65 -1.66 -0.87 22.15
C GLY C 65 -1.63 0.43 21.32
N GLU C 66 -0.51 1.13 21.39
CA GLU C 66 -0.10 2.40 20.79
C GLU C 66 0.23 3.32 21.99
N PRO C 67 1.45 3.18 22.55
CA PRO C 67 1.85 3.80 23.79
C PRO C 67 1.52 5.29 23.85
N GLY C 68 2.15 6.11 23.00
CA GLY C 68 2.01 7.55 23.05
C GLY C 68 2.08 8.16 21.65
N MET C 1 -4.38 12.95 -16.88
CA MET C 1 -5.30 13.94 -17.45
C MET C 1 -5.89 14.76 -16.31
N ARG C 2 -6.34 15.98 -16.61
CA ARG C 2 -6.83 16.91 -15.60
C ARG C 2 -8.22 16.45 -15.11
N LYS C 3 -8.28 15.37 -14.32
CA LYS C 3 -9.53 14.85 -13.78
C LYS C 3 -9.26 13.95 -12.57
N ARG C 4 -10.23 13.80 -11.67
CA ARG C 4 -10.24 12.82 -10.61
C ARG C 4 -10.60 11.46 -11.20
N GLY C 5 -10.19 10.39 -10.52
CA GLY C 5 -10.55 9.02 -10.87
C GLY C 5 -11.51 8.50 -9.82
N ARG C 6 -11.06 7.52 -9.03
CA ARG C 6 -11.74 6.69 -8.04
C ARG C 6 -11.96 5.34 -8.70
N GLN C 7 -11.71 4.27 -7.95
CA GLN C 7 -11.79 2.90 -8.43
C GLN C 7 -12.08 2.00 -7.24
N THR C 8 -13.30 1.45 -7.17
CA THR C 8 -13.68 0.49 -6.16
C THR C 8 -12.83 -0.78 -6.36
N TYR C 9 -12.12 -1.22 -5.32
CA TYR C 9 -11.23 -2.39 -5.34
C TYR C 9 -11.92 -3.61 -4.76
N THR C 10 -11.39 -4.79 -5.10
CA THR C 10 -11.69 -6.04 -4.42
C THR C 10 -10.91 -6.09 -3.12
N ARG C 11 -11.56 -6.34 -1.98
CA ARG C 11 -10.90 -6.37 -0.67
C ARG C 11 -9.59 -7.15 -0.72
N TYR C 12 -9.55 -8.29 -1.40
CA TYR C 12 -8.35 -9.10 -1.60
C TYR C 12 -7.12 -8.23 -1.84
N GLN C 13 -7.19 -7.28 -2.79
CA GLN C 13 -6.05 -6.44 -3.12
C GLN C 13 -5.62 -5.65 -1.88
N THR C 14 -6.57 -4.88 -1.34
CA THR C 14 -6.40 -4.09 -0.13
C THR C 14 -5.87 -4.95 1.04
N LEU C 15 -6.26 -6.23 1.11
CA LEU C 15 -6.05 -7.08 2.25
C LEU C 15 -4.57 -7.32 2.54
N GLU C 16 -3.84 -7.89 1.58
CA GLU C 16 -2.46 -8.25 1.85
C GLU C 16 -1.64 -6.98 2.06
N LEU C 17 -1.98 -5.94 1.29
CA LEU C 17 -1.40 -4.62 1.39
C LEU C 17 -1.50 -4.07 2.83
N GLU C 18 -2.65 -4.19 3.51
CA GLU C 18 -2.74 -3.82 4.91
C GLU C 18 -1.63 -4.47 5.72
N LYS C 19 -1.43 -5.77 5.55
CA LYS C 19 -0.41 -6.50 6.28
C LYS C 19 0.98 -5.98 5.92
N GLU C 20 1.23 -5.67 4.65
CA GLU C 20 2.49 -5.09 4.25
C GLU C 20 2.71 -3.73 4.93
N PHE C 21 1.69 -2.88 4.97
CA PHE C 21 1.81 -1.58 5.63
C PHE C 21 2.15 -1.77 7.11
N HIS C 22 1.43 -2.65 7.79
CA HIS C 22 1.72 -2.94 9.20
C HIS C 22 3.19 -3.37 9.33
N PHE C 23 3.65 -4.22 8.41
CA PHE C 23 5.03 -4.70 8.39
C PHE C 23 6.04 -3.59 8.13
N ASN C 24 5.74 -2.70 7.17
CA ASN C 24 6.72 -1.84 6.53
C ASN C 24 6.07 -0.63 5.87
N ARG C 25 6.81 0.47 5.76
CA ARG C 25 6.39 1.71 5.13
C ARG C 25 7.30 2.00 3.93
N TYR C 26 8.61 1.76 4.08
CA TYR C 26 9.58 1.98 3.02
C TYR C 26 9.77 0.70 2.19
N LEU C 27 9.15 0.65 1.01
CA LEU C 27 9.49 -0.36 0.01
C LEU C 27 10.88 -0.03 -0.56
N THR C 28 11.39 -0.87 -1.46
CA THR C 28 12.45 -0.47 -2.37
C THR C 28 12.08 -0.90 -3.80
N ARG C 29 12.98 -0.63 -4.74
CA ARG C 29 12.65 -0.54 -6.17
C ARG C 29 12.65 -1.90 -6.85
N ARG C 30 12.11 -2.92 -6.20
CA ARG C 30 11.55 -4.07 -6.90
C ARG C 30 10.16 -4.29 -6.34
N ARG C 31 9.99 -4.42 -5.02
CA ARG C 31 8.68 -4.61 -4.41
C ARG C 31 7.67 -3.57 -4.92
N ARG C 32 8.10 -2.31 -5.10
CA ARG C 32 7.29 -1.26 -5.73
C ARG C 32 6.60 -1.79 -7.01
N ILE C 33 7.36 -2.44 -7.89
CA ILE C 33 6.89 -3.00 -9.13
C ILE C 33 6.11 -4.29 -8.85
N GLU C 34 6.67 -5.20 -8.04
CA GLU C 34 6.06 -6.51 -7.81
C GLU C 34 4.62 -6.37 -7.31
N ILE C 35 4.39 -5.50 -6.33
CA ILE C 35 3.07 -5.23 -5.77
C ILE C 35 2.14 -4.86 -6.92
N ALA C 36 2.50 -3.79 -7.63
CA ALA C 36 1.76 -3.26 -8.77
C ALA C 36 1.35 -4.40 -9.71
N HIS C 37 2.30 -5.18 -10.21
CA HIS C 37 1.99 -6.30 -11.08
C HIS C 37 1.15 -7.38 -10.36
N ALA C 38 1.47 -7.69 -9.11
CA ALA C 38 0.87 -8.80 -8.36
C ALA C 38 -0.64 -8.64 -8.31
N LEU C 39 -1.08 -7.44 -7.93
CA LEU C 39 -2.48 -7.11 -7.78
C LEU C 39 -3.07 -6.53 -9.09
N SER C 40 -2.22 -6.26 -10.08
CA SER C 40 -2.54 -5.61 -11.35
C SER C 40 -2.96 -4.16 -11.15
N LEU C 41 -2.33 -3.47 -10.20
CA LEU C 41 -2.51 -2.06 -9.91
C LEU C 41 -1.34 -1.27 -10.49
N THR C 42 -1.43 0.05 -10.46
CA THR C 42 -0.44 0.94 -11.05
C THR C 42 0.49 1.51 -9.96
N GLU C 43 1.73 1.87 -10.32
CA GLU C 43 2.70 2.40 -9.36
C GLU C 43 2.16 3.64 -8.64
N ARG C 44 1.46 4.51 -9.39
CA ARG C 44 0.69 5.62 -8.82
C ARG C 44 -0.07 5.11 -7.60
N GLN C 45 -0.99 4.18 -7.82
CA GLN C 45 -1.86 3.71 -6.76
C GLN C 45 -1.02 3.20 -5.60
N ILE C 46 0.01 2.40 -5.86
CA ILE C 46 0.81 1.83 -4.79
C ILE C 46 1.49 2.91 -3.92
N LYS C 47 1.97 4.00 -4.53
CA LYS C 47 2.57 5.12 -3.80
C LYS C 47 1.57 5.55 -2.71
N ILE C 48 0.41 5.97 -3.19
CA ILE C 48 -0.70 6.46 -2.40
C ILE C 48 -1.07 5.42 -1.35
N TRP C 49 -1.19 4.17 -1.78
CA TRP C 49 -1.76 3.10 -1.00
C TRP C 49 -1.09 3.04 0.37
N PHE C 50 0.24 2.95 0.36
CA PHE C 50 1.04 2.80 1.56
C PHE C 50 1.06 4.13 2.31
N GLN C 51 1.46 5.20 1.62
CA GLN C 51 1.59 6.52 2.20
C GLN C 51 0.34 6.85 3.01
N ASN C 52 -0.80 6.87 2.34
CA ASN C 52 -2.02 7.43 2.92
C ASN C 52 -2.56 6.51 4.00
N ARG C 53 -2.22 5.21 3.98
CA ARG C 53 -2.58 4.29 5.06
C ARG C 53 -1.93 4.76 6.37
N ARG C 54 -0.71 5.32 6.33
CA ARG C 54 -0.09 5.88 7.51
C ARG C 54 -0.97 6.97 8.14
N MET C 55 -1.76 7.65 7.32
CA MET C 55 -2.54 8.81 7.72
C MET C 55 -3.93 8.37 8.22
N LYS C 56 -4.45 7.28 7.67
CA LYS C 56 -5.59 6.55 8.23
C LYS C 56 -5.24 6.12 9.66
N TRP C 57 -4.06 5.52 9.81
CA TRP C 57 -3.44 5.18 11.06
C TRP C 57 -3.20 6.49 11.82
N LYS C 58 -2.62 6.30 12.98
CA LYS C 58 -2.53 7.21 14.10
C LYS C 58 -3.93 7.50 14.63
N LYS C 59 -4.75 8.20 13.85
CA LYS C 59 -6.12 8.52 14.23
C LYS C 59 -6.85 7.20 14.43
N GLU C 60 -7.12 6.49 13.33
CA GLU C 60 -7.74 5.18 13.34
C GLU C 60 -6.61 4.15 13.32
N ASN C 61 -5.72 4.23 14.31
CA ASN C 61 -4.49 3.47 14.39
C ASN C 61 -4.67 2.00 14.02
N LYS C 62 -5.64 1.32 14.63
CA LYS C 62 -6.06 0.00 14.18
C LYS C 62 -6.92 0.19 12.92
N THR C 63 -6.25 0.38 11.78
CA THR C 63 -6.86 0.28 10.47
C THR C 63 -7.61 -1.06 10.41
N LYS C 64 -8.92 -0.98 10.30
CA LYS C 64 -9.81 -1.89 11.01
C LYS C 64 -9.96 -3.26 10.38
N GLY C 65 -9.69 -3.39 9.07
CA GLY C 65 -9.87 -4.60 8.31
C GLY C 65 -9.37 -5.84 9.06
N GLU C 66 -10.27 -6.81 9.25
CA GLU C 66 -10.07 -7.99 10.09
C GLU C 66 -9.69 -9.15 9.17
N PRO C 67 -8.42 -9.61 9.12
CA PRO C 67 -7.99 -10.55 8.09
C PRO C 67 -8.70 -11.90 8.23
N GLY C 68 -8.96 -12.57 7.12
CA GLY C 68 -9.59 -13.88 7.06
C GLY C 68 -8.65 -14.80 6.31
N MET C 1 -14.24 -3.89 3.19
CA MET C 1 -13.62 -4.87 2.29
C MET C 1 -13.66 -4.38 0.83
N ARG C 2 -14.84 -4.04 0.32
CA ARG C 2 -15.02 -3.50 -1.02
C ARG C 2 -15.95 -2.29 -0.91
N LYS C 3 -15.41 -1.13 -0.53
CA LYS C 3 -16.12 0.13 -0.70
C LYS C 3 -15.90 0.56 -2.15
N ARG C 4 -15.73 1.87 -2.39
CA ARG C 4 -15.26 2.41 -3.65
C ARG C 4 -14.08 1.59 -4.17
N GLY C 5 -14.05 1.34 -5.48
CA GLY C 5 -13.07 0.49 -6.12
C GLY C 5 -12.96 0.85 -7.60
N ARG C 6 -12.71 2.14 -7.86
CA ARG C 6 -12.42 2.68 -9.18
C ARG C 6 -11.15 2.04 -9.78
N GLN C 7 -10.20 1.80 -8.90
CA GLN C 7 -9.18 0.76 -9.01
C GLN C 7 -9.41 -0.15 -7.82
N THR C 8 -8.93 -1.39 -7.89
CA THR C 8 -8.96 -2.36 -6.83
C THR C 8 -7.65 -3.14 -6.87
N TYR C 9 -7.15 -3.49 -5.69
CA TYR C 9 -5.80 -4.00 -5.47
C TYR C 9 -5.95 -5.46 -5.04
N THR C 10 -5.25 -6.39 -5.71
CA THR C 10 -5.43 -7.82 -5.53
C THR C 10 -4.46 -8.41 -4.50
N ARG C 11 -4.88 -9.53 -3.90
CA ARG C 11 -4.22 -10.26 -2.84
C ARG C 11 -2.70 -10.35 -3.06
N TYR C 12 -2.27 -10.87 -4.21
CA TYR C 12 -0.85 -11.12 -4.43
C TYR C 12 -0.05 -9.81 -4.42
N GLN C 13 -0.48 -8.84 -5.22
CA GLN C 13 0.24 -7.58 -5.35
C GLN C 13 0.17 -6.78 -4.06
N THR C 14 -0.89 -6.92 -3.27
CA THR C 14 -0.97 -6.35 -1.94
C THR C 14 0.07 -7.02 -1.01
N LEU C 15 0.22 -8.35 -1.06
CA LEU C 15 1.10 -9.13 -0.19
C LEU C 15 2.47 -8.48 0.03
N GLU C 16 3.14 -8.10 -1.06
CA GLU C 16 4.42 -7.40 -1.03
C GLU C 16 4.37 -6.26 -0.01
N LEU C 17 3.36 -5.43 -0.23
CA LEU C 17 3.27 -4.12 0.37
C LEU C 17 2.83 -4.24 1.83
N GLU C 18 2.03 -5.26 2.16
CA GLU C 18 1.79 -5.59 3.57
C GLU C 18 3.13 -5.76 4.29
N LYS C 19 4.04 -6.55 3.71
CA LYS C 19 5.35 -6.80 4.30
C LYS C 19 6.19 -5.52 4.39
N GLU C 20 6.33 -4.80 3.27
CA GLU C 20 7.08 -3.55 3.24
C GLU C 20 6.59 -2.66 4.38
N PHE C 21 5.32 -2.27 4.34
CA PHE C 21 4.77 -1.30 5.27
C PHE C 21 4.94 -1.76 6.73
N HIS C 22 4.68 -3.04 6.99
CA HIS C 22 4.87 -3.61 8.32
C HIS C 22 6.29 -3.33 8.84
N PHE C 23 7.28 -3.36 7.95
CA PHE C 23 8.70 -3.24 8.30
C PHE C 23 9.17 -1.78 8.31
N ASN C 24 8.85 -1.03 7.26
CA ASN C 24 9.50 0.23 6.88
C ASN C 24 8.63 1.06 5.91
N ARG C 25 8.69 2.39 6.02
CA ARG C 25 7.80 3.32 5.34
C ARG C 25 8.51 4.06 4.20
N TYR C 26 9.42 4.98 4.51
CA TYR C 26 9.98 5.91 3.53
C TYR C 26 10.77 5.15 2.46
N LEU C 27 10.48 5.36 1.18
CA LEU C 27 11.29 4.81 0.09
C LEU C 27 12.22 5.88 -0.48
N THR C 28 13.22 5.44 -1.24
CA THR C 28 13.90 6.25 -2.21
C THR C 28 13.09 6.23 -3.51
N ARG C 29 13.20 7.29 -4.32
CA ARG C 29 12.53 7.43 -5.60
C ARG C 29 12.51 6.12 -6.37
N ARG C 30 13.70 5.65 -6.73
CA ARG C 30 13.82 4.58 -7.68
C ARG C 30 13.24 3.29 -7.11
N ARG C 31 13.46 2.98 -5.83
CA ARG C 31 12.78 1.84 -5.21
C ARG C 31 11.28 1.95 -5.44
N ARG C 32 10.69 3.10 -5.13
CA ARG C 32 9.26 3.31 -5.25
C ARG C 32 8.81 3.22 -6.72
N ILE C 33 9.67 3.52 -7.69
CA ILE C 33 9.43 3.21 -9.10
C ILE C 33 9.48 1.70 -9.34
N GLU C 34 10.54 1.01 -8.91
CA GLU C 34 10.71 -0.43 -9.08
C GLU C 34 9.45 -1.17 -8.60
N ILE C 35 8.98 -0.86 -7.38
CA ILE C 35 7.75 -1.44 -6.83
C ILE C 35 6.65 -1.39 -7.90
N ALA C 36 6.42 -0.20 -8.44
CA ALA C 36 5.37 0.04 -9.41
C ALA C 36 5.47 -0.91 -10.61
N HIS C 37 6.68 -1.11 -11.16
CA HIS C 37 6.86 -2.05 -12.25
C HIS C 37 6.62 -3.49 -11.75
N ALA C 38 7.29 -3.87 -10.67
CA ALA C 38 7.22 -5.21 -10.09
C ALA C 38 5.77 -5.65 -9.93
N LEU C 39 4.96 -4.82 -9.30
CA LEU C 39 3.55 -5.09 -9.06
C LEU C 39 2.69 -4.81 -10.29
N SER C 40 3.25 -4.15 -11.31
CA SER C 40 2.57 -3.81 -12.54
C SER C 40 1.31 -3.00 -12.23
N LEU C 41 1.52 -1.87 -11.56
CA LEU C 41 0.51 -0.89 -11.20
C LEU C 41 1.10 0.48 -11.56
N THR C 42 0.28 1.53 -11.54
CA THR C 42 0.79 2.87 -11.78
C THR C 42 1.74 3.27 -10.64
N GLU C 43 2.63 4.23 -10.90
CA GLU C 43 3.45 4.84 -9.87
C GLU C 43 2.54 5.38 -8.77
N ARG C 44 1.45 6.06 -9.14
CA ARG C 44 0.51 6.60 -8.18
C ARG C 44 -0.01 5.50 -7.26
N GLN C 45 -0.61 4.44 -7.80
CA GLN C 45 -1.30 3.45 -6.98
C GLN C 45 -0.41 2.97 -5.84
N ILE C 46 0.88 2.76 -6.11
CA ILE C 46 1.83 2.46 -5.04
C ILE C 46 1.81 3.56 -3.97
N LYS C 47 2.04 4.82 -4.37
CA LYS C 47 2.04 5.95 -3.47
C LYS C 47 0.81 5.87 -2.55
N ILE C 48 -0.39 5.75 -3.14
CA ILE C 48 -1.61 5.78 -2.36
C ILE C 48 -1.65 4.62 -1.39
N TRP C 49 -1.24 3.43 -1.84
CA TRP C 49 -1.19 2.28 -0.94
C TRP C 49 -0.40 2.63 0.32
N PHE C 50 0.79 3.23 0.17
CA PHE C 50 1.62 3.65 1.29
C PHE C 50 0.95 4.77 2.09
N GLN C 51 0.68 5.92 1.45
CA GLN C 51 -0.06 7.05 1.99
C GLN C 51 -1.20 6.60 2.90
N ASN C 52 -2.10 5.77 2.38
CA ASN C 52 -3.31 5.41 3.11
C ASN C 52 -2.96 4.59 4.36
N ARG C 53 -2.11 3.58 4.21
CA ARG C 53 -1.66 2.77 5.35
C ARG C 53 -0.95 3.67 6.37
N ARG C 54 -0.16 4.64 5.90
CA ARG C 54 0.51 5.61 6.75
C ARG C 54 -0.49 6.45 7.54
N MET C 55 -1.41 7.15 6.88
CA MET C 55 -2.35 8.03 7.55
C MET C 55 -3.06 7.27 8.68
N LYS C 56 -3.59 6.08 8.37
CA LYS C 56 -4.12 5.14 9.36
C LYS C 56 -3.13 4.95 10.52
N TRP C 57 -1.91 4.53 10.20
CA TRP C 57 -0.87 4.20 11.14
C TRP C 57 -0.40 5.48 11.84
N LYS C 58 -0.89 5.61 13.05
CA LYS C 58 -0.47 6.48 14.12
C LYS C 58 -0.96 5.90 15.44
N LYS C 59 -2.23 6.08 15.79
CA LYS C 59 -2.79 5.48 17.00
C LYS C 59 -2.61 3.96 16.94
N GLU C 60 -2.83 3.39 15.75
CA GLU C 60 -2.69 1.97 15.49
C GLU C 60 -1.27 1.59 15.06
N ASN C 61 -0.26 2.10 15.78
CA ASN C 61 1.02 1.43 16.01
C ASN C 61 0.72 0.16 16.81
N LYS C 62 0.07 -0.81 16.17
CA LYS C 62 -0.53 -2.01 16.75
C LYS C 62 0.23 -2.53 17.98
N THR C 63 1.31 -3.28 17.78
CA THR C 63 1.82 -4.26 18.74
C THR C 63 0.64 -5.01 19.36
N LYS C 64 -0.23 -5.54 18.50
CA LYS C 64 -1.52 -6.13 18.83
C LYS C 64 -1.98 -6.99 17.64
N GLY C 65 -1.09 -7.84 17.14
CA GLY C 65 -1.39 -8.81 16.10
C GLY C 65 -1.92 -10.07 16.74
N GLU C 66 -1.06 -10.77 17.46
CA GLU C 66 -1.39 -12.05 18.09
C GLU C 66 -2.29 -11.80 19.30
N PRO C 67 -3.19 -12.74 19.64
CA PRO C 67 -3.98 -12.69 20.87
C PRO C 67 -3.14 -12.31 22.09
N GLY C 68 -3.71 -11.49 22.96
CA GLY C 68 -3.03 -10.91 24.09
C GLY C 68 -3.82 -9.68 24.50
N MET C 1 -11.64 -2.57 -19.08
CA MET C 1 -10.20 -2.44 -18.86
C MET C 1 -9.90 -1.03 -18.37
N ARG C 2 -10.40 0.00 -19.06
CA ARG C 2 -10.29 1.37 -18.57
C ARG C 2 -11.17 1.54 -17.33
N LYS C 3 -10.71 2.31 -16.35
CA LYS C 3 -11.42 2.52 -15.10
C LYS C 3 -11.03 3.84 -14.46
N ARG C 4 -11.78 4.19 -13.42
CA ARG C 4 -11.68 5.41 -12.63
C ARG C 4 -12.33 5.09 -11.28
N GLY C 5 -12.25 6.00 -10.32
CA GLY C 5 -13.01 5.90 -9.08
C GLY C 5 -12.29 5.00 -8.08
N ARG C 6 -13.01 4.56 -7.05
CA ARG C 6 -12.52 3.57 -6.11
C ARG C 6 -12.13 2.31 -6.90
N GLN C 7 -10.83 2.10 -7.08
CA GLN C 7 -10.29 0.83 -7.49
C GLN C 7 -10.51 -0.12 -6.32
N THR C 8 -10.42 -1.42 -6.57
CA THR C 8 -10.05 -2.38 -5.54
C THR C 8 -8.74 -3.03 -5.95
N TYR C 9 -7.78 -2.98 -5.04
CA TYR C 9 -6.50 -3.66 -5.14
C TYR C 9 -6.82 -5.12 -4.83
N THR C 10 -6.30 -6.07 -5.60
CA THR C 10 -6.72 -7.45 -5.44
C THR C 10 -6.23 -7.97 -4.09
N ARG C 11 -6.84 -9.03 -3.54
CA ARG C 11 -6.32 -9.64 -2.34
C ARG C 11 -4.85 -9.98 -2.51
N TYR C 12 -4.47 -10.62 -3.62
CA TYR C 12 -3.09 -10.95 -3.95
C TYR C 12 -2.17 -9.74 -3.78
N GLN C 13 -2.56 -8.60 -4.35
CA GLN C 13 -1.79 -7.37 -4.28
C GLN C 13 -1.71 -6.88 -2.84
N THR C 14 -2.85 -6.74 -2.17
CA THR C 14 -2.90 -6.25 -0.80
C THR C 14 -2.03 -7.13 0.10
N LEU C 15 -2.22 -8.45 0.05
CA LEU C 15 -1.50 -9.48 0.80
C LEU C 15 0.01 -9.25 0.77
N GLU C 16 0.55 -8.98 -0.42
CA GLU C 16 1.96 -8.63 -0.55
C GLU C 16 2.26 -7.50 0.41
N LEU C 17 1.60 -6.39 0.14
CA LEU C 17 1.93 -5.07 0.60
C LEU C 17 1.66 -4.90 2.10
N GLU C 18 0.73 -5.67 2.67
CA GLU C 18 0.57 -5.79 4.12
C GLU C 18 1.92 -6.12 4.77
N LYS C 19 2.78 -6.87 4.09
CA LYS C 19 4.12 -7.13 4.59
C LYS C 19 5.03 -5.95 4.26
N GLU C 20 5.06 -5.53 2.99
CA GLU C 20 5.99 -4.51 2.50
C GLU C 20 5.93 -3.27 3.38
N PHE C 21 4.73 -2.73 3.64
CA PHE C 21 4.55 -1.57 4.51
C PHE C 21 5.09 -1.84 5.91
N HIS C 22 4.77 -3.01 6.46
CA HIS C 22 5.28 -3.43 7.75
C HIS C 22 6.80 -3.57 7.73
N PHE C 23 7.41 -3.76 6.56
CA PHE C 23 8.84 -3.94 6.38
C PHE C 23 9.56 -2.61 6.19
N ASN C 24 9.02 -1.73 5.36
CA ASN C 24 9.65 -0.50 4.89
C ASN C 24 8.58 0.39 4.25
N ARG C 25 8.72 1.72 4.39
CA ARG C 25 7.61 2.63 4.24
C ARG C 25 7.96 3.73 3.22
N TYR C 26 9.03 4.47 3.50
CA TYR C 26 9.69 5.33 2.53
C TYR C 26 10.39 4.39 1.55
N LEU C 27 10.28 4.63 0.25
CA LEU C 27 10.97 3.86 -0.78
C LEU C 27 11.98 4.77 -1.47
N THR C 28 13.04 4.20 -2.05
CA THR C 28 13.79 4.89 -3.10
C THR C 28 12.85 4.96 -4.31
N ARG C 29 12.79 6.07 -5.04
CA ARG C 29 11.78 6.30 -6.07
C ARG C 29 11.53 5.08 -6.95
N ARG C 30 12.56 4.57 -7.64
CA ARG C 30 12.40 3.45 -8.56
C ARG C 30 11.83 2.20 -7.88
N ARG C 31 11.97 2.04 -6.57
CA ARG C 31 11.39 0.88 -5.91
C ARG C 31 9.87 0.94 -5.99
N ARG C 32 9.26 2.14 -6.00
CA ARG C 32 7.82 2.24 -6.20
C ARG C 32 7.50 1.59 -7.54
N ILE C 33 8.24 1.98 -8.58
CA ILE C 33 8.12 1.48 -9.94
C ILE C 33 8.29 -0.05 -9.97
N GLU C 34 9.28 -0.60 -9.27
CA GLU C 34 9.51 -2.04 -9.30
C GLU C 34 8.46 -2.86 -8.55
N ILE C 35 7.94 -2.36 -7.43
CA ILE C 35 6.75 -2.93 -6.79
C ILE C 35 5.61 -2.91 -7.81
N ALA C 36 5.36 -1.73 -8.37
CA ALA C 36 4.32 -1.47 -9.35
C ALA C 36 4.38 -2.50 -10.48
N HIS C 37 5.58 -2.72 -11.05
CA HIS C 37 5.78 -3.74 -12.06
C HIS C 37 5.37 -5.11 -11.53
N ALA C 38 5.92 -5.52 -10.39
CA ALA C 38 5.67 -6.84 -9.81
C ALA C 38 4.17 -7.10 -9.70
N LEU C 39 3.46 -6.21 -9.03
CA LEU C 39 2.03 -6.35 -8.78
C LEU C 39 1.17 -6.03 -9.99
N SER C 40 1.75 -5.40 -11.02
CA SER C 40 1.05 -4.89 -12.18
C SER C 40 0.07 -3.78 -11.79
N LEU C 41 0.47 -2.96 -10.82
CA LEU C 41 -0.24 -1.76 -10.41
C LEU C 41 0.52 -0.57 -10.99
N THR C 42 -0.06 0.62 -10.87
CA THR C 42 0.54 1.83 -11.40
C THR C 42 1.53 2.41 -10.38
N GLU C 43 2.45 3.26 -10.83
CA GLU C 43 3.38 3.94 -9.92
C GLU C 43 2.58 4.73 -8.88
N ARG C 44 1.59 5.50 -9.35
CA ARG C 44 0.62 6.20 -8.51
C ARG C 44 0.12 5.26 -7.43
N GLN C 45 -0.49 4.15 -7.84
CA GLN C 45 -1.15 3.24 -6.90
C GLN C 45 -0.17 2.79 -5.81
N ILE C 46 1.09 2.50 -6.10
CA ILE C 46 2.01 2.10 -5.02
C ILE C 46 2.41 3.27 -4.12
N LYS C 47 2.28 4.53 -4.55
CA LYS C 47 2.30 5.63 -3.60
C LYS C 47 1.09 5.47 -2.69
N ILE C 48 -0.09 5.56 -3.32
CA ILE C 48 -1.36 5.70 -2.65
C ILE C 48 -1.59 4.57 -1.65
N TRP C 49 -1.31 3.32 -2.04
CA TRP C 49 -1.48 2.21 -1.14
C TRP C 49 -0.78 2.47 0.19
N PHE C 50 0.45 3.00 0.14
CA PHE C 50 1.27 3.26 1.31
C PHE C 50 0.80 4.50 2.06
N GLN C 51 0.66 5.64 1.39
CA GLN C 51 0.12 6.87 1.96
C GLN C 51 -1.20 6.52 2.68
N ASN C 52 -2.14 5.97 1.93
CA ASN C 52 -3.45 5.55 2.41
C ASN C 52 -3.36 4.37 3.40
N ARG C 53 -2.17 3.87 3.74
CA ARG C 53 -1.95 3.03 4.90
C ARG C 53 -1.44 3.90 6.04
N ARG C 54 -0.26 4.53 5.95
CA ARG C 54 0.35 5.21 7.08
C ARG C 54 -0.58 6.24 7.71
N MET C 55 -1.33 6.95 6.87
CA MET C 55 -2.24 8.00 7.33
C MET C 55 -3.41 7.33 8.06
N LYS C 56 -4.14 6.50 7.32
CA LYS C 56 -5.26 5.65 7.76
C LYS C 56 -4.95 4.90 9.07
N TRP C 57 -3.71 4.45 9.22
CA TRP C 57 -3.09 3.91 10.40
C TRP C 57 -3.03 5.03 11.46
N LYS C 58 -1.94 5.10 12.19
CA LYS C 58 -1.79 5.79 13.46
C LYS C 58 -2.65 5.06 14.49
N LYS C 59 -3.97 5.11 14.31
CA LYS C 59 -4.98 4.33 15.01
C LYS C 59 -4.48 2.90 15.27
N GLU C 60 -4.13 2.20 14.19
CA GLU C 60 -3.83 0.78 14.22
C GLU C 60 -2.59 0.45 15.08
N ASN C 61 -1.40 0.83 14.62
CA ASN C 61 -0.11 0.49 15.20
C ASN C 61 -0.12 -0.88 15.89
N LYS C 62 -0.04 -1.94 15.11
CA LYS C 62 0.18 -3.28 15.59
C LYS C 62 1.63 -3.35 16.04
N THR C 63 1.77 -3.41 17.35
CA THR C 63 3.00 -3.48 18.13
C THR C 63 3.88 -2.25 17.85
N LYS C 64 3.56 -1.16 18.55
CA LYS C 64 4.27 0.11 18.47
C LYS C 64 5.79 -0.10 18.54
N GLY C 65 6.53 0.71 17.78
CA GLY C 65 7.97 0.65 17.66
C GLY C 65 8.33 -0.06 16.36
N GLU C 66 8.39 0.69 15.25
CA GLU C 66 9.02 0.27 14.01
C GLU C 66 9.68 1.49 13.35
N PRO C 67 10.78 1.30 12.60
CA PRO C 67 11.46 2.35 11.85
C PRO C 67 10.50 3.26 11.08
N GLY C 68 10.71 4.57 11.18
CA GLY C 68 9.88 5.59 10.55
C GLY C 68 10.48 6.94 10.89
N MET C 1 -1.63 11.40 -17.99
CA MET C 1 -1.76 10.85 -16.64
C MET C 1 -2.62 11.82 -15.81
N ARG C 2 -3.93 11.87 -16.07
CA ARG C 2 -4.89 12.77 -15.44
C ARG C 2 -6.24 12.04 -15.38
N LYS C 3 -6.77 11.75 -14.19
CA LYS C 3 -7.99 10.97 -13.99
C LYS C 3 -8.77 11.44 -12.75
N ARG C 4 -9.93 10.83 -12.51
CA ARG C 4 -10.51 10.55 -11.20
C ARG C 4 -11.07 9.11 -11.27
N GLY C 5 -11.11 8.39 -10.14
CA GLY C 5 -11.88 7.16 -9.99
C GLY C 5 -11.18 6.13 -9.11
N ARG C 6 -11.97 5.39 -8.31
CA ARG C 6 -11.50 4.36 -7.38
C ARG C 6 -10.75 3.22 -8.08
N GLN C 7 -10.33 2.20 -7.32
CA GLN C 7 -9.65 1.02 -7.80
C GLN C 7 -10.16 -0.17 -6.99
N THR C 8 -10.18 -1.37 -7.59
CA THR C 8 -10.46 -2.62 -6.90
C THR C 8 -9.14 -3.28 -6.49
N TYR C 9 -8.67 -2.94 -5.30
CA TYR C 9 -7.54 -3.60 -4.70
C TYR C 9 -8.06 -4.90 -4.08
N THR C 10 -8.00 -5.96 -4.86
CA THR C 10 -8.45 -7.29 -4.51
C THR C 10 -7.61 -7.88 -3.38
N ARG C 11 -8.18 -8.80 -2.60
CA ARG C 11 -7.49 -9.47 -1.51
C ARG C 11 -6.10 -9.94 -1.92
N TYR C 12 -5.99 -10.70 -3.02
CA TYR C 12 -4.71 -11.17 -3.55
C TYR C 12 -3.65 -10.07 -3.55
N GLN C 13 -4.00 -8.88 -4.05
CA GLN C 13 -3.05 -7.80 -4.16
C GLN C 13 -2.78 -7.25 -2.75
N THR C 14 -3.86 -6.94 -2.04
CA THR C 14 -3.81 -6.41 -0.68
C THR C 14 -2.94 -7.29 0.22
N LEU C 15 -2.96 -8.61 0.01
CA LEU C 15 -2.28 -9.57 0.87
C LEU C 15 -0.79 -9.28 0.93
N GLU C 16 -0.09 -9.34 -0.21
CA GLU C 16 1.34 -9.19 -0.17
C GLU C 16 1.73 -7.78 0.26
N LEU C 17 0.87 -6.82 -0.04
CA LEU C 17 1.03 -5.43 0.32
C LEU C 17 0.92 -5.22 1.84
N GLU C 18 -0.11 -5.76 2.52
CA GLU C 18 -0.25 -5.69 3.97
C GLU C 18 0.87 -6.45 4.69
N LYS C 19 1.52 -7.37 3.99
CA LYS C 19 2.77 -8.01 4.40
C LYS C 19 3.96 -7.03 4.27
N GLU C 20 4.23 -6.50 3.06
CA GLU C 20 5.26 -5.47 2.83
C GLU C 20 5.16 -4.38 3.88
N PHE C 21 3.97 -3.76 3.97
CA PHE C 21 3.65 -2.67 4.87
C PHE C 21 4.21 -2.92 6.27
N HIS C 22 3.95 -4.09 6.82
CA HIS C 22 4.39 -4.47 8.15
C HIS C 22 5.92 -4.34 8.25
N PHE C 23 6.65 -4.74 7.21
CA PHE C 23 8.10 -4.56 7.15
C PHE C 23 8.45 -3.08 6.99
N ASN C 24 7.97 -2.44 5.93
CA ASN C 24 8.44 -1.13 5.48
C ASN C 24 7.29 -0.29 4.93
N ARG C 25 7.40 1.03 5.10
CA ARG C 25 6.43 2.01 4.64
C ARG C 25 6.83 2.49 3.24
N TYR C 26 8.10 2.87 3.07
CA TYR C 26 8.61 3.34 1.79
C TYR C 26 8.98 2.11 0.97
N LEU C 27 8.56 2.06 -0.29
CA LEU C 27 9.09 1.12 -1.27
C LEU C 27 10.06 1.91 -2.11
N THR C 28 11.30 1.47 -2.28
CA THR C 28 12.27 2.28 -2.98
C THR C 28 12.07 2.21 -4.50
N ARG C 29 12.70 3.12 -5.22
CA ARG C 29 12.92 3.03 -6.65
C ARG C 29 13.68 1.72 -6.86
N ARG C 30 13.03 0.87 -7.63
CA ARG C 30 13.34 -0.49 -8.01
C ARG C 30 12.85 -1.49 -6.97
N ARG C 31 11.77 -1.15 -6.27
CA ARG C 31 10.86 -2.08 -5.62
C ARG C 31 9.43 -1.60 -5.90
N ARG C 32 9.18 -0.31 -5.70
CA ARG C 32 7.92 0.34 -5.97
C ARG C 32 7.46 0.01 -7.40
N ILE C 33 8.31 0.32 -8.39
CA ILE C 33 8.10 -0.05 -9.79
C ILE C 33 7.80 -1.55 -9.87
N GLU C 34 8.64 -2.35 -9.23
CA GLU C 34 8.64 -3.77 -9.44
C GLU C 34 7.31 -4.39 -9.05
N ILE C 35 6.77 -3.99 -7.90
CA ILE C 35 5.45 -4.42 -7.44
C ILE C 35 4.36 -3.76 -8.27
N ALA C 36 4.53 -2.48 -8.61
CA ALA C 36 3.61 -1.83 -9.55
C ALA C 36 3.41 -2.72 -10.79
N HIS C 37 4.49 -3.19 -11.41
CA HIS C 37 4.40 -4.16 -12.49
C HIS C 37 3.78 -5.47 -12.00
N ALA C 38 4.28 -6.05 -10.91
CA ALA C 38 3.84 -7.34 -10.39
C ALA C 38 2.31 -7.41 -10.29
N LEU C 39 1.71 -6.45 -9.60
CA LEU C 39 0.28 -6.38 -9.34
C LEU C 39 -0.49 -5.65 -10.46
N SER C 40 0.23 -5.11 -11.44
CA SER C 40 -0.35 -4.53 -12.65
C SER C 40 -1.07 -3.21 -12.36
N LEU C 41 -0.33 -2.25 -11.82
CA LEU C 41 -0.76 -0.90 -11.49
C LEU C 41 0.33 0.07 -11.98
N THR C 42 0.14 1.36 -11.75
CA THR C 42 1.15 2.38 -11.97
C THR C 42 1.92 2.65 -10.66
N GLU C 43 3.10 3.25 -10.74
CA GLU C 43 3.88 3.69 -9.58
C GLU C 43 3.00 4.43 -8.57
N ARG C 44 2.26 5.44 -9.04
CA ARG C 44 1.43 6.26 -8.18
C ARG C 44 0.57 5.39 -7.29
N GLN C 45 -0.12 4.40 -7.85
CA GLN C 45 -1.10 3.65 -7.10
C GLN C 45 -0.44 2.88 -5.96
N ILE C 46 0.72 2.28 -6.21
CA ILE C 46 1.49 1.65 -5.14
C ILE C 46 1.83 2.72 -4.08
N LYS C 47 2.46 3.83 -4.50
CA LYS C 47 2.83 4.93 -3.61
C LYS C 47 1.65 5.30 -2.69
N ILE C 48 0.52 5.64 -3.31
CA ILE C 48 -0.74 5.95 -2.66
C ILE C 48 -1.10 4.86 -1.66
N TRP C 49 -1.25 3.62 -2.09
CA TRP C 49 -1.71 2.55 -1.22
C TRP C 49 -0.92 2.57 0.10
N PHE C 50 0.41 2.61 0.01
CA PHE C 50 1.25 2.60 1.19
C PHE C 50 1.03 3.87 2.01
N GLN C 51 1.07 5.05 1.37
CA GLN C 51 0.92 6.32 2.07
C GLN C 51 -0.41 6.34 2.83
N ASN C 52 -1.51 6.11 2.12
CA ASN C 52 -2.87 6.09 2.67
C ASN C 52 -2.95 5.08 3.82
N ARG C 53 -2.54 3.84 3.56
CA ARG C 53 -2.55 2.78 4.58
C ARG C 53 -1.77 3.25 5.82
N ARG C 54 -0.64 3.94 5.63
CA ARG C 54 0.09 4.51 6.76
C ARG C 54 -0.74 5.56 7.51
N MET C 55 -1.34 6.50 6.81
CA MET C 55 -2.15 7.55 7.43
C MET C 55 -3.24 6.92 8.30
N LYS C 56 -3.93 5.91 7.77
CA LYS C 56 -4.89 5.09 8.51
C LYS C 56 -4.26 4.49 9.78
N TRP C 57 -3.18 3.73 9.59
CA TRP C 57 -2.45 2.99 10.62
C TRP C 57 -2.20 3.78 11.91
N LYS C 58 -2.14 5.12 11.84
CA LYS C 58 -2.06 5.97 13.01
C LYS C 58 -3.15 5.56 14.04
N LYS C 59 -4.42 5.50 13.64
CA LYS C 59 -5.53 5.21 14.56
C LYS C 59 -5.32 3.87 15.28
N GLU C 60 -4.90 2.85 14.53
CA GLU C 60 -4.64 1.52 15.05
C GLU C 60 -3.48 1.53 16.05
N ASN C 61 -2.56 2.47 15.89
CA ASN C 61 -1.45 2.70 16.80
C ASN C 61 -1.77 3.86 17.76
N LYS C 62 -3.06 4.14 17.97
CA LYS C 62 -3.66 5.23 18.71
C LYS C 62 -3.03 6.57 18.35
N THR C 63 -1.85 6.86 18.91
CA THR C 63 -1.07 8.07 18.75
C THR C 63 -1.99 9.29 18.63
N LYS C 64 -1.78 10.13 17.63
CA LYS C 64 -2.56 11.34 17.35
C LYS C 64 -2.90 11.37 15.87
N GLY C 65 -3.75 12.29 15.47
CA GLY C 65 -4.24 12.45 14.11
C GLY C 65 -5.74 12.66 14.16
N GLU C 66 -6.13 13.71 14.88
CA GLU C 66 -7.53 14.01 15.17
C GLU C 66 -8.10 14.87 14.04
N PRO C 67 -9.23 14.49 13.43
CA PRO C 67 -9.89 15.28 12.39
C PRO C 67 -10.39 16.63 12.89
N GLY C 68 -11.22 17.26 12.06
CA GLY C 68 -12.06 18.39 12.39
C GLY C 68 -12.98 18.63 11.20
N MET C 1 -4.79 14.66 -20.57
CA MET C 1 -4.46 15.15 -19.23
C MET C 1 -4.70 13.99 -18.26
N ARG C 2 -4.32 14.14 -16.99
CA ARG C 2 -4.66 13.16 -15.96
C ARG C 2 -6.18 13.00 -15.93
N LYS C 3 -6.67 11.76 -15.88
CA LYS C 3 -8.09 11.47 -15.77
C LYS C 3 -8.43 11.03 -14.34
N ARG C 4 -9.66 11.32 -13.92
CA ARG C 4 -10.25 10.90 -12.66
C ARG C 4 -10.86 9.50 -12.84
N GLY C 5 -11.20 8.81 -11.76
CA GLY C 5 -11.93 7.56 -11.74
C GLY C 5 -11.49 6.70 -10.56
N ARG C 6 -12.39 6.45 -9.61
CA ARG C 6 -12.09 5.64 -8.44
C ARG C 6 -12.03 4.16 -8.84
N GLN C 7 -11.05 3.44 -8.34
CA GLN C 7 -11.06 2.00 -8.22
C GLN C 7 -11.78 1.66 -6.90
N THR C 8 -11.88 0.37 -6.60
CA THR C 8 -11.78 -0.11 -5.24
C THR C 8 -11.03 -1.43 -5.30
N TYR C 9 -10.18 -1.68 -4.31
CA TYR C 9 -9.34 -2.86 -4.30
C TYR C 9 -10.20 -4.05 -3.88
N THR C 10 -10.20 -5.11 -4.70
CA THR C 10 -10.46 -6.43 -4.18
C THR C 10 -9.35 -6.74 -3.18
N ARG C 11 -9.65 -7.42 -2.06
CA ARG C 11 -8.70 -7.58 -0.96
C ARG C 11 -7.33 -8.00 -1.46
N TYR C 12 -7.32 -8.92 -2.43
CA TYR C 12 -6.14 -9.42 -3.10
C TYR C 12 -5.10 -8.33 -3.38
N GLN C 13 -5.52 -7.19 -3.93
CA GLN C 13 -4.57 -6.12 -4.27
C GLN C 13 -3.93 -5.58 -2.99
N THR C 14 -4.75 -5.24 -1.99
CA THR C 14 -4.28 -4.78 -0.69
C THR C 14 -3.28 -5.78 -0.09
N LEU C 15 -3.62 -7.07 -0.09
CA LEU C 15 -2.93 -8.10 0.69
C LEU C 15 -1.40 -7.99 0.61
N GLU C 16 -0.80 -8.08 -0.57
CA GLU C 16 0.65 -8.14 -0.64
C GLU C 16 1.30 -6.80 -0.26
N LEU C 17 0.55 -5.72 -0.44
CA LEU C 17 0.99 -4.39 -0.11
C LEU C 17 1.06 -4.24 1.42
N GLU C 18 0.14 -4.88 2.17
CA GLU C 18 0.30 -5.00 3.61
C GLU C 18 1.65 -5.63 3.95
N LYS C 19 2.05 -6.65 3.19
CA LYS C 19 3.27 -7.40 3.45
C LYS C 19 4.51 -6.56 3.10
N GLU C 20 4.45 -5.77 2.02
CA GLU C 20 5.47 -4.75 1.80
C GLU C 20 5.57 -3.84 3.02
N PHE C 21 4.43 -3.34 3.51
CA PHE C 21 4.40 -2.38 4.60
C PHE C 21 5.06 -2.98 5.83
N HIS C 22 4.72 -4.23 6.14
CA HIS C 22 5.38 -5.01 7.18
C HIS C 22 6.89 -4.97 6.94
N PHE C 23 7.33 -5.43 5.77
CA PHE C 23 8.76 -5.54 5.48
C PHE C 23 9.43 -4.17 5.41
N ASN C 24 9.23 -3.46 4.29
CA ASN C 24 9.78 -2.16 3.98
C ASN C 24 8.66 -1.14 3.96
N ARG C 25 8.43 -0.46 5.08
CA ARG C 25 7.38 0.55 5.18
C ARG C 25 7.45 1.54 4.01
N TYR C 26 8.64 2.01 3.65
CA TYR C 26 8.87 2.96 2.57
C TYR C 26 9.46 2.21 1.38
N LEU C 27 8.92 2.39 0.17
CA LEU C 27 9.44 1.73 -1.03
C LEU C 27 10.41 2.64 -1.76
N THR C 28 11.56 2.10 -2.14
CA THR C 28 12.37 2.65 -3.21
C THR C 28 11.52 2.68 -4.48
N ARG C 29 11.65 3.69 -5.35
CA ARG C 29 10.85 3.71 -6.58
C ARG C 29 11.10 2.45 -7.39
N ARG C 30 12.34 1.98 -7.39
CA ARG C 30 12.76 0.65 -7.81
C ARG C 30 12.22 -0.39 -6.82
N ARG C 31 10.90 -0.51 -6.75
CA ARG C 31 10.10 -1.50 -6.05
C ARG C 31 8.65 -1.08 -6.30
N ARG C 32 8.35 0.21 -6.14
CA ARG C 32 7.06 0.76 -6.51
C ARG C 32 6.72 0.36 -7.95
N ILE C 33 7.62 0.66 -8.88
CA ILE C 33 7.50 0.31 -10.30
C ILE C 33 7.20 -1.17 -10.45
N GLU C 34 7.97 -1.98 -9.72
CA GLU C 34 8.06 -3.41 -9.94
C GLU C 34 6.74 -4.06 -9.51
N ILE C 35 6.23 -3.66 -8.35
CA ILE C 35 4.91 -4.05 -7.88
C ILE C 35 3.81 -3.47 -8.76
N ALA C 36 3.95 -2.19 -9.14
CA ALA C 36 3.04 -1.56 -10.09
C ALA C 36 2.85 -2.49 -11.31
N HIS C 37 3.95 -3.00 -11.87
CA HIS C 37 3.86 -4.01 -12.92
C HIS C 37 3.21 -5.30 -12.43
N ALA C 38 3.65 -5.84 -11.29
CA ALA C 38 3.16 -7.08 -10.70
C ALA C 38 1.63 -7.09 -10.68
N LEU C 39 1.04 -6.21 -9.88
CA LEU C 39 -0.41 -6.05 -9.76
C LEU C 39 -1.01 -5.48 -11.05
N SER C 40 -0.20 -4.84 -11.90
CA SER C 40 -0.63 -4.19 -13.12
C SER C 40 -1.56 -3.03 -12.79
N LEU C 41 -1.08 -2.16 -11.91
CA LEU C 41 -1.68 -0.91 -11.47
C LEU C 41 -0.69 0.21 -11.77
N THR C 42 -1.07 1.46 -11.51
CA THR C 42 -0.24 2.61 -11.85
C THR C 42 0.90 2.78 -10.85
N GLU C 43 1.96 3.47 -11.25
CA GLU C 43 2.99 3.94 -10.33
C GLU C 43 2.31 4.74 -9.21
N ARG C 44 1.41 5.65 -9.60
CA ARG C 44 0.56 6.41 -8.68
C ARG C 44 0.09 5.54 -7.52
N GLN C 45 -0.62 4.44 -7.81
CA GLN C 45 -1.18 3.60 -6.77
C GLN C 45 -0.12 3.20 -5.75
N ILE C 46 1.09 2.86 -6.18
CA ILE C 46 2.14 2.39 -5.28
C ILE C 46 2.90 3.56 -4.61
N LYS C 47 2.58 4.81 -4.96
CA LYS C 47 2.79 5.93 -4.04
C LYS C 47 1.68 5.90 -3.00
N ILE C 48 0.45 6.08 -3.49
CA ILE C 48 -0.75 6.34 -2.72
C ILE C 48 -0.99 5.35 -1.61
N TRP C 49 -1.01 4.06 -1.90
CA TRP C 49 -1.44 3.08 -0.92
C TRP C 49 -0.60 3.20 0.35
N PHE C 50 0.72 3.16 0.19
CA PHE C 50 1.66 3.21 1.30
C PHE C 50 1.51 4.52 2.05
N GLN C 51 1.66 5.63 1.33
CA GLN C 51 1.47 6.99 1.80
C GLN C 51 0.23 7.05 2.70
N ASN C 52 -0.94 6.82 2.12
CA ASN C 52 -2.22 7.01 2.79
C ASN C 52 -2.34 6.11 4.00
N ARG C 53 -2.07 4.82 3.79
CA ARG C 53 -2.38 3.75 4.74
C ARG C 53 -1.85 4.07 6.14
N ARG C 54 -0.73 4.78 6.26
CA ARG C 54 -0.17 5.20 7.55
C ARG C 54 -1.21 5.88 8.45
N MET C 55 -2.10 6.69 7.88
CA MET C 55 -3.17 7.34 8.63
C MET C 55 -4.01 6.34 9.43
N LYS C 56 -4.18 5.13 8.90
CA LYS C 56 -5.11 4.14 9.41
C LYS C 56 -4.36 3.04 10.19
N TRP C 57 -3.26 2.58 9.61
CA TRP C 57 -2.42 1.50 10.06
C TRP C 57 -1.85 1.97 11.38
N LYS C 58 -2.53 1.55 12.43
CA LYS C 58 -2.12 1.51 13.82
C LYS C 58 -3.23 0.80 14.58
N LYS C 59 -4.48 1.17 14.27
CA LYS C 59 -5.66 0.49 14.77
C LYS C 59 -5.96 -0.70 13.86
N GLU C 60 -6.27 -0.42 12.59
CA GLU C 60 -6.87 -1.39 11.68
C GLU C 60 -5.91 -2.49 11.23
N ASN C 61 -4.61 -2.40 11.48
CA ASN C 61 -3.66 -3.44 11.08
C ASN C 61 -3.70 -4.63 12.04
N LYS C 62 -4.90 -5.02 12.45
CA LYS C 62 -5.31 -6.16 13.27
C LYS C 62 -6.83 -6.23 13.05
N THR C 63 -7.24 -6.66 11.86
CA THR C 63 -8.58 -6.41 11.31
C THR C 63 -9.67 -7.36 11.86
N LYS C 64 -9.48 -7.96 13.03
CA LYS C 64 -10.36 -9.01 13.51
C LYS C 64 -11.80 -8.51 13.66
N GLY C 65 -12.67 -8.88 12.72
CA GLY C 65 -14.05 -8.43 12.65
C GLY C 65 -14.59 -8.73 11.25
N GLU C 66 -15.86 -8.44 11.04
CA GLU C 66 -16.58 -8.67 9.79
C GLU C 66 -16.81 -7.33 9.06
N PRO C 67 -17.41 -7.35 7.85
CA PRO C 67 -17.90 -6.16 7.18
C PRO C 67 -18.77 -5.27 8.07
N GLY C 68 -18.82 -4.00 7.68
CA GLY C 68 -19.55 -2.94 8.35
C GLY C 68 -18.68 -1.71 8.27
N MET C 1 -17.23 -4.19 -9.93
CA MET C 1 -18.12 -5.00 -10.77
C MET C 1 -18.73 -4.14 -11.90
N ARG C 2 -19.24 -2.96 -11.60
CA ARG C 2 -19.86 -2.09 -12.61
C ARG C 2 -18.84 -1.54 -13.60
N LYS C 3 -19.31 -1.16 -14.79
CA LYS C 3 -18.49 -0.71 -15.91
C LYS C 3 -18.08 0.77 -15.73
N ARG C 4 -17.59 1.11 -14.54
CA ARG C 4 -17.33 2.46 -14.09
C ARG C 4 -15.88 2.50 -13.59
N GLY C 5 -15.23 3.66 -13.73
CA GLY C 5 -13.90 3.86 -13.22
C GLY C 5 -13.90 3.85 -11.70
N ARG C 6 -13.79 2.67 -11.10
CA ARG C 6 -13.40 2.46 -9.72
C ARG C 6 -12.88 1.04 -9.60
N GLN C 7 -11.98 0.80 -8.65
CA GLN C 7 -11.39 -0.49 -8.38
C GLN C 7 -12.02 -1.04 -7.10
N THR C 8 -11.85 -2.33 -6.83
CA THR C 8 -12.17 -2.92 -5.54
C THR C 8 -11.17 -4.04 -5.22
N TYR C 9 -10.27 -3.78 -4.29
CA TYR C 9 -9.36 -4.79 -3.76
C TYR C 9 -10.16 -5.89 -3.05
N THR C 10 -9.72 -7.14 -3.19
CA THR C 10 -10.40 -8.27 -2.59
C THR C 10 -10.12 -8.29 -1.10
N ARG C 11 -9.05 -9.00 -0.71
CA ARG C 11 -8.57 -9.11 0.65
C ARG C 11 -7.17 -9.75 0.60
N TYR C 12 -7.07 -10.85 -0.14
CA TYR C 12 -5.81 -11.49 -0.53
C TYR C 12 -4.73 -10.44 -0.86
N GLN C 13 -5.08 -9.46 -1.68
CA GLN C 13 -4.21 -8.36 -2.03
C GLN C 13 -3.73 -7.62 -0.77
N THR C 14 -4.67 -6.98 -0.07
CA THR C 14 -4.41 -6.21 1.14
C THR C 14 -3.52 -6.98 2.13
N LEU C 15 -3.74 -8.29 2.26
CA LEU C 15 -3.04 -9.12 3.22
C LEU C 15 -1.52 -9.03 3.09
N GLU C 16 -0.97 -9.26 1.89
CA GLU C 16 0.48 -9.21 1.74
C GLU C 16 0.95 -7.75 1.69
N LEU C 17 0.11 -6.88 1.14
CA LEU C 17 0.34 -5.44 1.08
C LEU C 17 0.69 -4.90 2.47
N GLU C 18 -0.13 -5.20 3.48
CA GLU C 18 0.09 -4.77 4.86
C GLU C 18 1.52 -5.10 5.30
N LYS C 19 1.91 -6.37 5.15
CA LYS C 19 3.25 -6.84 5.53
C LYS C 19 4.34 -5.96 4.92
N GLU C 20 4.31 -5.77 3.59
CA GLU C 20 5.37 -5.02 2.93
C GLU C 20 5.44 -3.59 3.48
N PHE C 21 4.29 -2.95 3.70
CA PHE C 21 4.23 -1.66 4.38
C PHE C 21 4.87 -1.71 5.76
N HIS C 22 4.58 -2.74 6.55
CA HIS C 22 5.16 -2.86 7.88
C HIS C 22 6.69 -2.88 7.80
N PHE C 23 7.23 -3.62 6.84
CA PHE C 23 8.66 -3.68 6.64
C PHE C 23 9.18 -2.39 5.99
N ASN C 24 8.96 -2.23 4.69
CA ASN C 24 9.44 -1.09 3.92
C ASN C 24 8.50 0.10 4.10
N ARG C 25 8.56 0.75 5.26
CA ARG C 25 7.78 1.96 5.53
C ARG C 25 8.00 2.99 4.42
N TYR C 26 9.27 3.29 4.12
CA TYR C 26 9.63 3.89 2.84
C TYR C 26 9.79 2.76 1.85
N LEU C 27 9.12 2.85 0.71
CA LEU C 27 9.18 1.89 -0.35
C LEU C 27 10.02 2.51 -1.45
N THR C 28 11.24 2.02 -1.63
CA THR C 28 12.11 2.47 -2.69
C THR C 28 11.44 2.17 -4.05
N ARG C 29 11.64 3.06 -5.03
CA ARG C 29 10.90 3.07 -6.28
C ARG C 29 10.83 1.70 -6.95
N ARG C 30 11.97 1.02 -7.13
CA ARG C 30 11.95 -0.25 -7.85
C ARG C 30 11.05 -1.22 -7.11
N ARG C 31 11.21 -1.35 -5.79
CA ARG C 31 10.36 -2.24 -5.02
C ARG C 31 8.88 -1.91 -5.26
N ARG C 32 8.50 -0.64 -5.32
CA ARG C 32 7.14 -0.29 -5.67
C ARG C 32 6.74 -0.89 -7.03
N ILE C 33 7.59 -0.73 -8.05
CA ILE C 33 7.33 -1.34 -9.35
C ILE C 33 7.12 -2.86 -9.20
N GLU C 34 7.96 -3.53 -8.41
CA GLU C 34 7.80 -4.96 -8.15
C GLU C 34 6.43 -5.28 -7.56
N ILE C 35 6.09 -4.61 -6.44
CA ILE C 35 4.85 -4.80 -5.70
C ILE C 35 3.66 -4.62 -6.64
N ALA C 36 3.61 -3.44 -7.25
CA ALA C 36 2.58 -3.05 -8.20
C ALA C 36 2.40 -4.17 -9.22
N HIS C 37 3.46 -4.57 -9.90
CA HIS C 37 3.36 -5.61 -10.92
C HIS C 37 2.89 -6.93 -10.30
N ALA C 38 3.38 -7.28 -9.10
CA ALA C 38 3.08 -8.56 -8.47
C ALA C 38 1.58 -8.75 -8.28
N LEU C 39 0.91 -7.75 -7.70
CA LEU C 39 -0.54 -7.78 -7.52
C LEU C 39 -1.27 -7.31 -8.79
N SER C 40 -0.53 -6.89 -9.81
CA SER C 40 -1.05 -6.45 -11.09
C SER C 40 -1.92 -5.19 -10.92
N LEU C 41 -1.33 -4.21 -10.23
CA LEU C 41 -1.87 -2.91 -9.88
C LEU C 41 -0.91 -1.84 -10.39
N THR C 42 -1.16 -0.56 -10.12
CA THR C 42 -0.36 0.53 -10.64
C THR C 42 0.59 1.08 -9.59
N GLU C 43 1.71 1.66 -10.05
CA GLU C 43 2.68 2.33 -9.20
C GLU C 43 1.94 3.37 -8.35
N ARG C 44 1.10 4.18 -8.99
CA ARG C 44 0.32 5.19 -8.28
C ARG C 44 -0.53 4.54 -7.19
N GLN C 45 -1.39 3.57 -7.52
CA GLN C 45 -2.30 3.02 -6.53
C GLN C 45 -1.56 2.54 -5.28
N ILE C 46 -0.45 1.81 -5.48
CA ILE C 46 0.36 1.33 -4.35
C ILE C 46 0.92 2.51 -3.56
N LYS C 47 1.44 3.55 -4.24
CA LYS C 47 1.83 4.79 -3.58
C LYS C 47 0.70 5.25 -2.67
N ILE C 48 -0.50 5.44 -3.23
CA ILE C 48 -1.65 5.94 -2.49
C ILE C 48 -2.02 5.03 -1.32
N TRP C 49 -1.96 3.71 -1.48
CA TRP C 49 -2.34 2.81 -0.38
C TRP C 49 -1.35 3.00 0.77
N PHE C 50 -0.07 2.95 0.45
CA PHE C 50 1.01 3.13 1.44
C PHE C 50 0.85 4.49 2.11
N GLN C 51 0.71 5.54 1.31
CA GLN C 51 0.52 6.91 1.76
C GLN C 51 -0.62 6.93 2.77
N ASN C 52 -1.79 6.47 2.37
CA ASN C 52 -2.97 6.44 3.23
C ASN C 52 -2.61 5.76 4.55
N ARG C 53 -2.25 4.48 4.50
CA ARG C 53 -2.01 3.71 5.70
C ARG C 53 -0.94 4.37 6.58
N ARG C 54 0.11 4.96 5.98
CA ARG C 54 1.17 5.68 6.69
C ARG C 54 0.63 6.80 7.57
N MET C 55 -0.31 7.61 7.08
CA MET C 55 -0.88 8.66 7.90
C MET C 55 -1.52 7.99 9.12
N LYS C 56 -2.47 7.10 8.86
CA LYS C 56 -3.28 6.45 9.90
C LYS C 56 -2.40 5.78 10.96
N TRP C 57 -1.34 5.12 10.47
CA TRP C 57 -0.39 4.33 11.21
C TRP C 57 0.16 5.06 12.43
N LYS C 58 0.40 6.36 12.35
CA LYS C 58 1.00 7.13 13.43
C LYS C 58 0.26 6.89 14.75
N LYS C 59 -1.02 7.25 14.76
CA LYS C 59 -1.91 7.05 15.91
C LYS C 59 -1.97 5.56 16.26
N GLU C 60 -2.30 4.74 15.27
CA GLU C 60 -2.76 3.38 15.50
C GLU C 60 -1.64 2.38 15.81
N ASN C 61 -0.38 2.73 15.56
CA ASN C 61 0.75 1.89 15.90
C ASN C 61 1.52 2.59 17.01
N LYS C 62 0.95 2.57 18.21
CA LYS C 62 1.59 3.00 19.43
C LYS C 62 2.94 2.30 19.52
N THR C 63 2.92 0.98 19.36
CA THR C 63 4.06 0.09 19.26
C THR C 63 3.65 -1.04 18.30
N LYS C 64 4.39 -2.14 18.30
CA LYS C 64 4.03 -3.42 17.70
C LYS C 64 3.93 -4.42 18.85
N GLY C 65 3.01 -5.38 18.77
CA GLY C 65 2.51 -6.12 19.92
C GLY C 65 3.62 -6.84 20.67
N GLU C 66 4.22 -7.86 20.04
CA GLU C 66 5.25 -8.65 20.68
C GLU C 66 6.37 -7.70 21.14
N PRO C 67 6.87 -7.83 22.39
CA PRO C 67 7.83 -6.91 22.95
C PRO C 67 9.10 -6.90 22.10
N GLY C 68 9.53 -5.73 21.66
CA GLY C 68 10.67 -5.55 20.79
C GLY C 68 11.41 -4.31 21.23
N MET C 1 -12.87 7.79 -23.05
CA MET C 1 -12.67 7.82 -21.60
C MET C 1 -12.65 9.26 -21.09
N ARG C 2 -13.62 10.08 -21.49
CA ARG C 2 -13.58 11.52 -21.17
C ARG C 2 -13.72 11.84 -19.70
N LYS C 3 -14.36 10.96 -18.94
CA LYS C 3 -14.40 11.01 -17.48
C LYS C 3 -13.06 10.58 -16.88
N ARG C 4 -12.79 10.93 -15.63
CA ARG C 4 -11.73 10.35 -14.84
C ARG C 4 -12.10 8.91 -14.48
N GLY C 5 -11.21 8.18 -13.80
CA GLY C 5 -11.43 6.77 -13.52
C GLY C 5 -10.57 6.28 -12.37
N ARG C 6 -11.16 6.20 -11.18
CA ARG C 6 -10.53 5.59 -10.02
C ARG C 6 -10.44 4.07 -10.23
N GLN C 7 -9.75 3.37 -9.33
CA GLN C 7 -9.64 1.92 -9.36
C GLN C 7 -10.00 1.40 -7.97
N THR C 8 -11.27 1.06 -7.76
CA THR C 8 -11.73 0.47 -6.51
C THR C 8 -11.16 -0.95 -6.43
N TYR C 9 -10.34 -1.23 -5.42
CA TYR C 9 -9.63 -2.50 -5.35
C TYR C 9 -10.56 -3.59 -4.84
N THR C 10 -10.63 -4.70 -5.56
CA THR C 10 -11.06 -5.94 -4.97
C THR C 10 -10.01 -6.35 -3.94
N ARG C 11 -10.44 -6.90 -2.82
CA ARG C 11 -9.59 -7.27 -1.70
C ARG C 11 -8.37 -8.07 -2.15
N TYR C 12 -8.52 -8.95 -3.15
CA TYR C 12 -7.42 -9.71 -3.73
C TYR C 12 -6.15 -8.87 -3.97
N GLN C 13 -6.31 -7.66 -4.48
CA GLN C 13 -5.19 -6.77 -4.77
C GLN C 13 -4.61 -6.31 -3.43
N THR C 14 -5.44 -5.68 -2.60
CA THR C 14 -5.10 -5.17 -1.29
C THR C 14 -4.41 -6.22 -0.39
N LEU C 15 -4.82 -7.48 -0.50
CA LEU C 15 -4.47 -8.58 0.40
C LEU C 15 -2.97 -8.65 0.65
N GLU C 16 -2.20 -8.55 -0.43
CA GLU C 16 -0.75 -8.40 -0.40
C GLU C 16 -0.37 -7.32 0.59
N LEU C 17 -0.86 -6.12 0.26
CA LEU C 17 -0.42 -4.85 0.76
C LEU C 17 -0.71 -4.75 2.26
N GLU C 18 -1.81 -5.35 2.74
CA GLU C 18 -2.08 -5.42 4.16
C GLU C 18 -0.90 -6.04 4.92
N LYS C 19 -0.42 -7.19 4.45
CA LYS C 19 0.69 -7.87 5.11
C LYS C 19 1.94 -7.01 5.03
N GLU C 20 2.24 -6.48 3.85
CA GLU C 20 3.38 -5.59 3.67
C GLU C 20 3.28 -4.43 4.67
N PHE C 21 2.10 -3.84 4.84
CA PHE C 21 1.92 -2.77 5.81
C PHE C 21 2.18 -3.26 7.24
N HIS C 22 1.74 -4.47 7.56
CA HIS C 22 2.06 -5.08 8.84
C HIS C 22 3.59 -5.16 9.02
N PHE C 23 4.33 -5.41 7.93
CA PHE C 23 5.78 -5.49 7.96
C PHE C 23 6.46 -4.12 8.04
N ASN C 24 6.02 -3.17 7.21
CA ASN C 24 6.75 -1.96 6.85
C ASN C 24 5.77 -0.82 6.59
N ARG C 25 6.26 0.37 6.27
CA ARG C 25 5.44 1.55 6.00
C ARG C 25 5.54 1.99 4.54
N TYR C 26 6.75 2.23 4.02
CA TYR C 26 6.92 2.97 2.77
C TYR C 26 7.80 2.27 1.74
N LEU C 27 8.28 1.06 2.03
CA LEU C 27 9.04 0.21 1.12
C LEU C 27 10.35 0.87 0.67
N THR C 28 11.12 0.12 -0.12
CA THR C 28 12.16 0.67 -0.99
C THR C 28 11.55 0.78 -2.38
N ARG C 29 11.95 1.81 -3.14
CA ARG C 29 11.47 2.10 -4.49
C ARG C 29 11.36 0.82 -5.33
N ARG C 30 12.45 0.03 -5.38
CA ARG C 30 12.47 -1.28 -6.02
C ARG C 30 11.20 -2.08 -5.71
N ARG C 31 10.98 -2.44 -4.44
CA ARG C 31 9.83 -3.25 -4.08
C ARG C 31 8.53 -2.57 -4.47
N ARG C 32 8.42 -1.25 -4.35
CA ARG C 32 7.25 -0.53 -4.78
C ARG C 32 6.95 -0.83 -6.24
N ILE C 33 7.97 -0.80 -7.11
CA ILE C 33 7.81 -1.13 -8.52
C ILE C 33 7.37 -2.59 -8.65
N GLU C 34 8.09 -3.51 -7.99
CA GLU C 34 7.82 -4.93 -8.17
C GLU C 34 6.40 -5.29 -7.73
N ILE C 35 5.96 -4.76 -6.59
CA ILE C 35 4.58 -4.74 -6.14
C ILE C 35 3.69 -4.26 -7.29
N ALA C 36 3.95 -3.05 -7.77
CA ALA C 36 3.19 -2.42 -8.84
C ALA C 36 2.98 -3.38 -10.02
N HIS C 37 4.05 -3.97 -10.55
CA HIS C 37 3.93 -4.90 -11.68
C HIS C 37 3.22 -6.19 -11.27
N ALA C 38 3.57 -6.75 -10.12
CA ALA C 38 3.02 -8.01 -9.64
C ALA C 38 1.49 -7.92 -9.53
N LEU C 39 1.00 -6.90 -8.82
CA LEU C 39 -0.43 -6.63 -8.72
C LEU C 39 -0.99 -6.08 -10.02
N SER C 40 -0.13 -5.46 -10.84
CA SER C 40 -0.49 -4.79 -12.07
C SER C 40 -1.37 -3.58 -11.75
N LEU C 41 -0.78 -2.64 -11.01
CA LEU C 41 -1.32 -1.37 -10.59
C LEU C 41 -0.27 -0.31 -10.95
N THR C 42 -0.63 0.96 -10.96
CA THR C 42 0.29 2.05 -11.27
C THR C 42 1.21 2.34 -10.07
N GLU C 43 2.41 2.85 -10.33
CA GLU C 43 3.34 3.26 -9.30
C GLU C 43 2.68 4.34 -8.43
N ARG C 44 1.99 5.27 -9.10
CA ARG C 44 1.02 6.19 -8.49
C ARG C 44 0.26 5.45 -7.40
N GLN C 45 -0.61 4.54 -7.82
CA GLN C 45 -1.51 3.83 -6.93
C GLN C 45 -0.77 3.21 -5.74
N ILE C 46 0.32 2.48 -5.96
CA ILE C 46 1.00 1.85 -4.82
C ILE C 46 1.47 2.93 -3.84
N LYS C 47 2.15 3.95 -4.34
CA LYS C 47 2.63 5.07 -3.55
C LYS C 47 1.48 5.61 -2.69
N ILE C 48 0.38 6.01 -3.34
CA ILE C 48 -0.85 6.48 -2.72
C ILE C 48 -1.37 5.52 -1.66
N TRP C 49 -1.43 4.23 -1.97
CA TRP C 49 -1.98 3.25 -1.06
C TRP C 49 -1.27 3.35 0.28
N PHE C 50 0.05 3.29 0.25
CA PHE C 50 0.89 3.32 1.45
C PHE C 50 0.81 4.69 2.12
N GLN C 51 0.85 5.79 1.35
CA GLN C 51 0.63 7.14 1.87
C GLN C 51 -0.59 7.16 2.77
N ASN C 52 -1.74 6.77 2.22
CA ASN C 52 -3.00 6.96 2.92
C ASN C 52 -3.07 6.00 4.10
N ARG C 53 -2.68 4.75 3.88
CA ARG C 53 -2.62 3.76 4.95
C ARG C 53 -1.78 4.28 6.12
N ARG C 54 -0.58 4.83 5.86
CA ARG C 54 0.23 5.51 6.87
C ARG C 54 -0.60 6.58 7.59
N MET C 55 -1.13 7.55 6.84
CA MET C 55 -1.85 8.67 7.44
C MET C 55 -2.91 8.19 8.42
N LYS C 56 -3.71 7.21 8.00
CA LYS C 56 -4.82 6.70 8.76
C LYS C 56 -4.30 5.97 10.03
N TRP C 57 -3.30 5.12 9.84
CA TRP C 57 -2.54 4.45 10.88
C TRP C 57 -1.97 5.45 11.90
N LYS C 58 -1.57 6.64 11.45
CA LYS C 58 -0.94 7.65 12.29
C LYS C 58 -1.81 7.95 13.52
N LYS C 59 -3.03 8.43 13.28
CA LYS C 59 -3.99 8.76 14.31
C LYS C 59 -4.25 7.53 15.19
N GLU C 60 -4.63 6.41 14.57
CA GLU C 60 -5.03 5.23 15.32
C GLU C 60 -3.92 4.67 16.21
N ASN C 61 -2.83 4.28 15.59
CA ASN C 61 -2.27 2.94 15.82
C ASN C 61 -1.19 2.93 16.88
N LYS C 62 -1.37 3.75 17.94
CA LYS C 62 -0.46 3.99 19.05
C LYS C 62 1.00 3.67 18.69
N THR C 63 1.62 4.52 17.89
CA THR C 63 2.96 4.29 17.38
C THR C 63 3.70 5.63 17.38
N LYS C 64 4.93 5.63 17.91
CA LYS C 64 5.89 6.72 17.75
C LYS C 64 7.22 6.05 17.44
N GLY C 65 8.08 6.73 16.69
CA GLY C 65 9.34 6.21 16.20
C GLY C 65 9.75 7.04 15.00
N GLU C 66 10.98 6.85 14.53
CA GLU C 66 11.55 7.58 13.41
C GLU C 66 12.80 6.84 12.95
N PRO C 67 12.68 5.78 12.15
CA PRO C 67 13.76 5.39 11.25
C PRO C 67 14.07 6.62 10.40
N GLY C 68 15.33 7.00 10.24
CA GLY C 68 15.66 8.13 9.38
C GLY C 68 17.05 8.64 9.66
N MET C 1 -6.34 -0.24 -18.95
CA MET C 1 -7.59 -0.73 -19.54
C MET C 1 -8.57 -1.21 -18.47
N ARG C 2 -8.06 -1.69 -17.33
CA ARG C 2 -8.91 -2.23 -16.29
C ARG C 2 -9.75 -1.09 -15.72
N LYS C 3 -11.05 -1.29 -15.65
CA LYS C 3 -12.03 -0.20 -15.62
C LYS C 3 -12.08 0.44 -14.23
N ARG C 4 -12.60 1.67 -14.17
CA ARG C 4 -13.04 2.28 -12.92
C ARG C 4 -13.95 1.26 -12.22
N GLY C 5 -13.67 1.04 -10.95
CA GLY C 5 -14.06 -0.18 -10.26
C GLY C 5 -13.13 -0.35 -9.07
N ARG C 6 -13.53 0.23 -7.94
CA ARG C 6 -12.71 0.34 -6.75
C ARG C 6 -12.41 -1.05 -6.18
N GLN C 7 -11.26 -1.16 -5.51
CA GLN C 7 -10.78 -2.26 -4.69
C GLN C 7 -11.12 -3.63 -5.29
N THR C 8 -10.65 -3.87 -6.52
CA THR C 8 -10.71 -5.22 -7.10
C THR C 8 -9.67 -6.14 -6.46
N TYR C 9 -8.58 -5.54 -5.99
CA TYR C 9 -7.27 -6.14 -5.69
C TYR C 9 -7.39 -7.58 -5.19
N THR C 10 -6.53 -8.47 -5.69
CA THR C 10 -6.45 -9.83 -5.26
C THR C 10 -5.77 -9.87 -3.88
N ARG C 11 -6.11 -10.87 -3.06
CA ARG C 11 -5.63 -10.95 -1.69
C ARG C 11 -4.10 -10.89 -1.65
N TYR C 12 -3.44 -11.61 -2.56
CA TYR C 12 -2.01 -11.62 -2.81
C TYR C 12 -1.41 -10.22 -2.73
N GLN C 13 -2.05 -9.24 -3.35
CA GLN C 13 -1.50 -7.90 -3.48
C GLN C 13 -1.50 -7.23 -2.10
N THR C 14 -2.66 -7.18 -1.46
CA THR C 14 -2.79 -6.69 -0.09
C THR C 14 -1.78 -7.36 0.83
N LEU C 15 -1.66 -8.68 0.73
CA LEU C 15 -0.90 -9.46 1.67
C LEU C 15 0.54 -8.99 1.82
N GLU C 16 1.26 -8.75 0.71
CA GLU C 16 2.62 -8.28 0.85
C GLU C 16 2.67 -6.80 1.19
N LEU C 17 1.66 -6.03 0.81
CA LEU C 17 1.62 -4.62 1.14
C LEU C 17 1.52 -4.45 2.66
N GLU C 18 0.66 -5.22 3.32
CA GLU C 18 0.64 -5.27 4.78
C GLU C 18 2.00 -5.68 5.34
N LYS C 19 2.76 -6.50 4.60
CA LYS C 19 4.02 -7.07 5.01
C LYS C 19 5.13 -6.01 4.92
N GLU C 20 5.20 -5.29 3.79
CA GLU C 20 6.05 -4.14 3.57
C GLU C 20 5.78 -3.18 4.71
N PHE C 21 4.54 -2.68 4.79
CA PHE C 21 4.15 -1.63 5.71
C PHE C 21 3.88 -2.22 7.10
N HIS C 22 4.95 -2.76 7.67
CA HIS C 22 5.08 -3.21 9.03
C HIS C 22 6.56 -3.47 9.22
N PHE C 23 7.17 -4.20 8.29
CA PHE C 23 8.61 -4.39 8.29
C PHE C 23 9.30 -3.03 8.16
N ASN C 24 8.97 -2.32 7.08
CA ASN C 24 9.62 -1.10 6.64
C ASN C 24 8.59 -0.06 6.22
N ARG C 25 9.04 1.11 5.80
CA ARG C 25 8.19 2.24 5.49
C ARG C 25 8.64 2.99 4.23
N TYR C 26 9.90 3.43 4.18
CA TYR C 26 10.37 4.37 3.17
C TYR C 26 11.02 3.58 2.03
N LEU C 27 10.52 3.74 0.80
CA LEU C 27 10.97 2.97 -0.36
C LEU C 27 11.93 3.80 -1.19
N THR C 28 13.08 3.23 -1.60
CA THR C 28 13.87 3.86 -2.63
C THR C 28 13.05 3.81 -3.93
N ARG C 29 13.26 4.72 -4.87
CA ARG C 29 12.44 4.80 -6.07
C ARG C 29 12.46 3.46 -6.81
N ARG C 30 13.64 2.88 -6.95
CA ARG C 30 13.84 1.56 -7.55
C ARG C 30 13.26 0.40 -6.72
N ARG C 31 12.46 0.67 -5.68
CA ARG C 31 11.52 -0.28 -5.11
C ARG C 31 10.09 0.27 -5.30
N ARG C 32 9.89 1.54 -4.93
CA ARG C 32 8.64 2.30 -5.02
C ARG C 32 7.94 2.05 -6.36
N ILE C 33 8.69 2.07 -7.46
CA ILE C 33 8.23 1.65 -8.79
C ILE C 33 7.89 0.16 -8.73
N GLU C 34 8.92 -0.65 -8.50
CA GLU C 34 8.91 -2.10 -8.68
C GLU C 34 7.70 -2.78 -8.03
N ILE C 35 7.33 -2.37 -6.81
CA ILE C 35 6.15 -2.88 -6.13
C ILE C 35 5.00 -2.95 -7.15
N ALA C 36 4.72 -1.82 -7.78
CA ALA C 36 3.54 -1.66 -8.61
C ALA C 36 3.50 -2.68 -9.74
N HIS C 37 4.62 -2.83 -10.42
CA HIS C 37 4.73 -3.77 -11.52
C HIS C 37 4.51 -5.19 -10.96
N ALA C 38 5.23 -5.52 -9.89
CA ALA C 38 5.18 -6.85 -9.27
C ALA C 38 3.74 -7.21 -8.88
N LEU C 39 3.09 -6.36 -8.09
CA LEU C 39 1.71 -6.63 -7.66
C LEU C 39 0.80 -6.61 -8.87
N SER C 40 1.00 -5.64 -9.75
CA SER C 40 0.15 -5.32 -10.88
C SER C 40 -1.15 -4.65 -10.43
N LEU C 41 -1.02 -3.70 -9.50
CA LEU C 41 -1.98 -2.60 -9.37
C LEU C 41 -1.51 -1.55 -10.39
N THR C 42 -1.19 -0.32 -9.97
CA THR C 42 -0.49 0.65 -10.80
C THR C 42 0.42 1.50 -9.91
N GLU C 43 1.37 2.21 -10.53
CA GLU C 43 2.42 2.95 -9.81
C GLU C 43 1.80 3.96 -8.86
N ARG C 44 0.83 4.74 -9.37
CA ARG C 44 0.06 5.65 -8.53
C ARG C 44 -0.52 4.89 -7.33
N GLN C 45 -1.27 3.82 -7.59
CA GLN C 45 -2.04 3.18 -6.54
C GLN C 45 -1.15 2.67 -5.42
N ILE C 46 0.03 2.14 -5.73
CA ILE C 46 0.96 1.78 -4.66
C ILE C 46 1.28 3.00 -3.80
N LYS C 47 1.69 4.11 -4.43
CA LYS C 47 1.97 5.36 -3.73
C LYS C 47 0.85 5.63 -2.72
N ILE C 48 -0.37 5.69 -3.24
CA ILE C 48 -1.55 6.00 -2.47
C ILE C 48 -1.78 4.97 -1.37
N TRP C 49 -1.61 3.68 -1.63
CA TRP C 49 -1.82 2.67 -0.60
C TRP C 49 -0.88 2.94 0.57
N PHE C 50 0.42 3.13 0.30
CA PHE C 50 1.40 3.37 1.33
C PHE C 50 1.06 4.66 2.08
N GLN C 51 0.87 5.74 1.32
CA GLN C 51 0.48 7.05 1.82
C GLN C 51 -0.69 6.89 2.80
N ASN C 52 -1.82 6.39 2.29
CA ASN C 52 -3.05 6.24 3.04
C ASN C 52 -2.83 5.38 4.27
N ARG C 53 -2.38 4.14 4.06
CA ARG C 53 -2.24 3.17 5.14
C ARG C 53 -1.38 3.75 6.25
N ARG C 54 -0.22 4.33 5.92
CA ARG C 54 0.69 4.86 6.90
C ARG C 54 0.10 6.07 7.61
N MET C 55 -0.49 7.00 6.85
CA MET C 55 -0.98 8.22 7.45
C MET C 55 -2.16 7.92 8.37
N LYS C 56 -3.01 7.00 7.95
CA LYS C 56 -4.18 6.57 8.69
C LYS C 56 -3.73 5.74 9.92
N TRP C 57 -2.72 4.88 9.76
CA TRP C 57 -2.02 4.26 10.84
C TRP C 57 -1.58 5.31 11.83
N LYS C 58 -1.43 4.69 12.98
CA LYS C 58 -1.01 4.98 14.30
C LYS C 58 -1.77 3.95 15.15
N LYS C 59 -2.59 4.38 16.10
CA LYS C 59 -3.19 3.52 17.09
C LYS C 59 -4.04 2.46 16.39
N GLU C 60 -4.84 2.88 15.42
CA GLU C 60 -5.84 2.03 14.81
C GLU C 60 -5.20 0.93 13.96
N ASN C 61 -3.99 1.14 13.40
CA ASN C 61 -3.36 0.06 12.64
C ASN C 61 -2.34 -0.70 13.50
N LYS C 62 -2.20 -0.33 14.78
CA LYS C 62 -1.26 -0.96 15.69
C LYS C 62 -1.70 -2.42 15.94
N THR C 63 -2.87 -2.60 16.55
CA THR C 63 -3.57 -3.87 16.72
C THR C 63 -2.77 -4.90 17.54
N LYS C 64 -2.10 -5.83 16.86
CA LYS C 64 -1.68 -7.09 17.46
C LYS C 64 -0.77 -6.88 18.67
N GLY C 65 0.41 -6.30 18.46
CA GLY C 65 1.34 -6.01 19.55
C GLY C 65 0.68 -5.00 20.50
N GLU C 66 0.25 -5.46 21.68
CA GLU C 66 -0.52 -4.66 22.62
C GLU C 66 -0.02 -4.90 24.05
N PRO C 67 1.12 -4.32 24.43
CA PRO C 67 1.52 -4.15 25.82
C PRO C 67 0.89 -2.83 26.32
N GLY C 68 1.58 -2.11 27.19
CA GLY C 68 1.20 -0.75 27.56
C GLY C 68 1.47 0.21 26.41
N MET C 1 -5.82 5.99 -24.15
CA MET C 1 -4.93 6.30 -23.04
C MET C 1 -5.79 6.51 -21.79
N ARG C 2 -5.26 6.11 -20.63
CA ARG C 2 -5.95 6.11 -19.34
C ARG C 2 -6.72 7.40 -19.07
N LYS C 3 -7.91 7.26 -18.49
CA LYS C 3 -8.79 8.31 -18.01
C LYS C 3 -8.90 8.15 -16.49
N ARG C 4 -10.04 8.54 -15.91
CA ARG C 4 -10.44 8.10 -14.60
C ARG C 4 -10.72 6.60 -14.62
N GLY C 5 -10.94 6.02 -13.44
CA GLY C 5 -11.40 4.65 -13.31
C GLY C 5 -11.00 4.10 -11.95
N ARG C 6 -11.86 4.29 -10.95
CA ARG C 6 -11.65 3.69 -9.65
C ARG C 6 -11.58 2.18 -9.77
N GLN C 7 -10.73 1.58 -8.95
CA GLN C 7 -10.60 0.17 -8.70
C GLN C 7 -10.97 -0.05 -7.23
N THR C 8 -11.00 -1.30 -6.80
CA THR C 8 -11.15 -1.68 -5.40
C THR C 8 -10.22 -2.88 -5.22
N TYR C 9 -9.02 -2.63 -4.68
CA TYR C 9 -7.92 -3.56 -4.69
C TYR C 9 -8.30 -4.92 -4.08
N THR C 10 -8.12 -5.95 -4.89
CA THR C 10 -8.29 -7.35 -4.53
C THR C 10 -7.25 -7.75 -3.49
N ARG C 11 -7.54 -8.81 -2.75
CA ARG C 11 -6.66 -9.36 -1.74
C ARG C 11 -5.25 -9.54 -2.30
N TYR C 12 -5.12 -10.25 -3.43
CA TYR C 12 -3.85 -10.52 -4.10
C TYR C 12 -2.93 -9.30 -4.09
N GLN C 13 -3.46 -8.16 -4.54
CA GLN C 13 -2.72 -6.92 -4.64
C GLN C 13 -2.40 -6.37 -3.24
N THR C 14 -3.35 -6.43 -2.33
CA THR C 14 -3.17 -5.95 -0.96
C THR C 14 -2.10 -6.77 -0.23
N LEU C 15 -2.04 -8.07 -0.50
CA LEU C 15 -1.44 -9.04 0.38
C LEU C 15 0.06 -8.80 0.52
N GLU C 16 0.82 -8.76 -0.58
CA GLU C 16 2.25 -8.62 -0.44
C GLU C 16 2.61 -7.27 0.20
N LEU C 17 1.81 -6.26 -0.11
CA LEU C 17 1.98 -4.90 0.36
C LEU C 17 1.85 -4.80 1.88
N GLU C 18 0.92 -5.54 2.50
CA GLU C 18 0.89 -5.65 3.95
C GLU C 18 2.28 -6.04 4.48
N LYS C 19 2.88 -7.07 3.88
CA LYS C 19 4.17 -7.58 4.30
C LYS C 19 5.27 -6.55 4.04
N GLU C 20 5.25 -5.87 2.88
CA GLU C 20 6.16 -4.76 2.63
C GLU C 20 6.10 -3.76 3.79
N PHE C 21 4.92 -3.17 4.04
CA PHE C 21 4.74 -2.10 5.01
C PHE C 21 5.39 -2.44 6.36
N HIS C 22 5.02 -3.61 6.89
CA HIS C 22 5.51 -4.09 8.16
C HIS C 22 7.03 -4.19 8.13
N PHE C 23 7.58 -4.80 7.08
CA PHE C 23 9.01 -5.05 6.98
C PHE C 23 9.80 -3.73 6.83
N ASN C 24 9.32 -2.89 5.92
CA ASN C 24 10.04 -1.76 5.34
C ASN C 24 9.07 -0.69 4.84
N ARG C 25 8.97 0.41 5.58
CA ARG C 25 8.07 1.51 5.28
C ARG C 25 8.58 2.28 4.06
N TYR C 26 9.84 2.73 4.11
CA TYR C 26 10.53 3.11 2.89
C TYR C 26 10.66 1.85 2.06
N LEU C 27 10.31 1.91 0.78
CA LEU C 27 10.59 0.83 -0.16
C LEU C 27 12.11 0.73 -0.29
N THR C 28 12.73 1.41 -1.26
CA THR C 28 14.15 1.69 -1.27
C THR C 28 14.45 2.68 -2.39
N ARG C 29 14.66 2.24 -3.63
CA ARG C 29 14.58 3.11 -4.80
C ARG C 29 13.93 2.30 -5.93
N ARG C 30 14.67 1.38 -6.55
CA ARG C 30 14.13 0.43 -7.50
C ARG C 30 13.45 -0.73 -6.75
N ARG C 31 12.44 -0.38 -5.95
CA ARG C 31 11.32 -1.22 -5.59
C ARG C 31 10.05 -0.47 -6.00
N ARG C 32 9.90 0.81 -5.65
CA ARG C 32 8.68 1.57 -5.95
C ARG C 32 8.20 1.40 -7.40
N ILE C 33 9.12 1.49 -8.37
CA ILE C 33 8.83 1.26 -9.77
C ILE C 33 8.28 -0.15 -9.91
N GLU C 34 9.07 -1.11 -9.43
CA GLU C 34 8.87 -2.52 -9.60
C GLU C 34 7.48 -2.93 -9.07
N ILE C 35 7.04 -2.42 -7.92
CA ILE C 35 5.70 -2.72 -7.39
C ILE C 35 4.65 -2.43 -8.46
N ALA C 36 4.72 -1.23 -9.04
CA ALA C 36 3.71 -0.73 -9.96
C ALA C 36 3.61 -1.65 -11.18
N HIS C 37 4.76 -2.16 -11.64
CA HIS C 37 4.85 -3.06 -12.78
C HIS C 37 4.28 -4.42 -12.37
N ALA C 38 4.86 -4.99 -11.31
CA ALA C 38 4.52 -6.29 -10.75
C ALA C 38 3.02 -6.41 -10.60
N LEU C 39 2.44 -5.60 -9.71
CA LEU C 39 1.02 -5.62 -9.46
C LEU C 39 0.23 -5.07 -10.63
N SER C 40 0.86 -4.32 -11.54
CA SER C 40 0.18 -3.67 -12.66
C SER C 40 -0.93 -2.76 -12.12
N LEU C 41 -0.53 -1.86 -11.23
CA LEU C 41 -1.33 -0.76 -10.69
C LEU C 41 -0.50 0.49 -10.92
N THR C 42 -1.12 1.67 -10.90
CA THR C 42 -0.40 2.87 -11.29
C THR C 42 0.67 3.20 -10.24
N GLU C 43 1.73 3.87 -10.67
CA GLU C 43 2.78 4.37 -9.78
C GLU C 43 2.14 5.19 -8.65
N ARG C 44 1.21 6.06 -9.05
CA ARG C 44 0.31 6.77 -8.17
C ARG C 44 -0.28 5.80 -7.14
N GLN C 45 -1.11 4.85 -7.58
CA GLN C 45 -1.84 3.96 -6.68
C GLN C 45 -0.90 3.33 -5.66
N ILE C 46 0.27 2.86 -6.07
CA ILE C 46 1.24 2.31 -5.11
C ILE C 46 1.54 3.35 -4.03
N LYS C 47 2.00 4.56 -4.42
CA LYS C 47 2.31 5.61 -3.47
C LYS C 47 1.12 5.80 -2.51
N ILE C 48 -0.07 6.03 -3.08
CA ILE C 48 -1.29 6.23 -2.31
C ILE C 48 -1.52 5.10 -1.32
N TRP C 49 -1.29 3.84 -1.70
CA TRP C 49 -1.49 2.72 -0.80
C TRP C 49 -0.61 2.85 0.44
N PHE C 50 0.70 3.02 0.25
CA PHE C 50 1.64 3.15 1.36
C PHE C 50 1.27 4.36 2.22
N GLN C 51 1.05 5.50 1.57
CA GLN C 51 0.67 6.75 2.21
C GLN C 51 -0.60 6.56 3.05
N ASN C 52 -1.62 5.91 2.47
CA ASN C 52 -2.86 5.58 3.17
C ASN C 52 -2.53 4.82 4.43
N ARG C 53 -1.79 3.72 4.29
CA ARG C 53 -1.45 2.88 5.41
C ARG C 53 -0.74 3.67 6.51
N ARG C 54 0.13 4.64 6.18
CA ARG C 54 0.62 5.60 7.19
C ARG C 54 -0.56 6.30 7.89
N MET C 55 -1.46 6.91 7.12
CA MET C 55 -2.59 7.67 7.67
C MET C 55 -3.49 6.82 8.58
N LYS C 56 -3.70 5.55 8.23
CA LYS C 56 -4.48 4.62 9.06
C LYS C 56 -3.71 4.32 10.35
N TRP C 57 -2.42 4.01 10.20
CA TRP C 57 -1.46 3.90 11.26
C TRP C 57 -1.32 5.31 11.86
N LYS C 58 -0.37 5.40 12.76
CA LYS C 58 -0.22 6.40 13.81
C LYS C 58 -1.46 6.34 14.71
N LYS C 59 -2.61 6.77 14.19
CA LYS C 59 -3.90 6.71 14.87
C LYS C 59 -4.16 5.28 15.35
N GLU C 60 -4.24 4.32 14.43
CA GLU C 60 -4.41 2.91 14.79
C GLU C 60 -3.06 2.24 15.04
N ASN C 61 -2.16 2.92 15.74
CA ASN C 61 -0.85 2.38 16.07
C ASN C 61 -0.56 2.58 17.56
N LYS C 62 -1.26 1.80 18.39
CA LYS C 62 -0.96 1.65 19.80
C LYS C 62 0.37 0.88 19.92
N THR C 63 0.37 -0.39 19.48
CA THR C 63 1.55 -1.27 19.52
C THR C 63 2.22 -1.27 20.90
N LYS C 64 1.39 -1.22 21.94
CA LYS C 64 1.76 -1.26 23.34
C LYS C 64 0.70 -2.15 23.99
N GLY C 65 0.74 -2.35 25.30
CA GLY C 65 0.12 -3.51 25.93
C GLY C 65 1.08 -4.68 25.79
N GLU C 66 2.35 -4.44 26.14
CA GLU C 66 3.45 -5.39 26.19
C GLU C 66 4.38 -4.94 27.33
N PRO C 67 5.22 -5.82 27.88
CA PRO C 67 6.22 -5.45 28.87
C PRO C 67 7.13 -4.31 28.38
N GLY C 68 7.46 -4.27 27.10
CA GLY C 68 8.24 -3.18 26.51
C GLY C 68 7.84 -3.08 25.04
N MET C 1 -17.75 4.72 -21.97
CA MET C 1 -18.04 3.39 -21.43
C MET C 1 -17.42 3.30 -20.03
N ARG C 2 -16.10 3.48 -19.97
CA ARG C 2 -15.31 3.36 -18.76
C ARG C 2 -15.35 4.68 -17.98
N LYS C 3 -15.43 4.61 -16.66
CA LYS C 3 -15.36 5.78 -15.78
C LYS C 3 -13.90 6.16 -15.52
N ARG C 4 -13.71 7.21 -14.72
CA ARG C 4 -12.46 7.65 -14.16
C ARG C 4 -11.74 6.53 -13.38
N GLY C 5 -10.49 6.80 -13.02
CA GLY C 5 -9.50 5.86 -12.50
C GLY C 5 -10.03 4.71 -11.65
N ARG C 6 -10.20 5.01 -10.36
CA ARG C 6 -10.33 4.12 -9.21
C ARG C 6 -9.73 2.71 -9.34
N GLN C 7 -8.75 2.46 -8.47
CA GLN C 7 -8.09 1.18 -8.23
C GLN C 7 -8.74 0.58 -6.97
N THR C 8 -8.55 -0.71 -6.72
CA THR C 8 -8.49 -1.24 -5.37
C THR C 8 -7.45 -2.34 -5.30
N TYR C 9 -6.74 -2.43 -4.19
CA TYR C 9 -5.50 -3.19 -4.10
C TYR C 9 -5.76 -4.65 -3.74
N THR C 10 -5.43 -5.56 -4.66
CA THR C 10 -5.51 -7.00 -4.42
C THR C 10 -4.68 -7.36 -3.20
N ARG C 11 -5.00 -8.47 -2.54
CA ARG C 11 -4.19 -8.99 -1.45
C ARG C 11 -2.72 -9.06 -1.88
N TYR C 12 -2.44 -9.67 -3.04
CA TYR C 12 -1.09 -9.74 -3.57
C TYR C 12 -0.44 -8.36 -3.57
N GLN C 13 -1.11 -7.35 -4.12
CA GLN C 13 -0.60 -5.99 -4.15
C GLN C 13 -0.87 -5.26 -2.82
N THR C 14 -0.64 -5.96 -1.72
CA THR C 14 -0.73 -5.47 -0.35
C THR C 14 0.34 -6.21 0.44
N LEU C 15 0.26 -7.55 0.38
CA LEU C 15 1.04 -8.50 1.15
C LEU C 15 2.51 -8.16 1.30
N GLU C 16 3.20 -7.70 0.23
CA GLU C 16 4.62 -7.44 0.34
C GLU C 16 4.90 -5.98 0.71
N LEU C 17 4.06 -5.08 0.21
CA LEU C 17 4.09 -3.68 0.56
C LEU C 17 3.99 -3.50 2.07
N GLU C 18 3.25 -4.38 2.74
CA GLU C 18 3.23 -4.48 4.20
C GLU C 18 4.65 -4.51 4.78
N LYS C 19 5.46 -5.51 4.40
CA LYS C 19 6.78 -5.72 4.99
C LYS C 19 7.73 -4.57 4.63
N GLU C 20 7.64 -4.03 3.40
CA GLU C 20 8.38 -2.83 3.08
C GLU C 20 7.99 -1.69 4.02
N PHE C 21 6.71 -1.38 4.14
CA PHE C 21 6.24 -0.28 4.98
C PHE C 21 6.85 -0.42 6.38
N HIS C 22 6.83 -1.62 6.93
CA HIS C 22 7.46 -1.90 8.21
C HIS C 22 8.96 -1.53 8.16
N PHE C 23 9.74 -2.12 7.27
CA PHE C 23 11.18 -1.90 7.27
C PHE C 23 11.53 -0.44 6.98
N ASN C 24 11.06 0.07 5.85
CA ASN C 24 11.42 1.35 5.27
C ASN C 24 10.17 2.16 4.90
N ARG C 25 9.94 3.25 5.62
CA ARG C 25 9.06 4.32 5.14
C ARG C 25 9.77 5.05 4.01
N TYR C 26 11.01 5.47 4.25
CA TYR C 26 11.80 6.19 3.26
C TYR C 26 12.34 5.21 2.23
N LEU C 27 11.49 4.78 1.29
CA LEU C 27 11.99 4.17 0.07
C LEU C 27 12.85 5.22 -0.65
N THR C 28 14.09 4.87 -0.97
CA THR C 28 14.87 5.57 -1.98
C THR C 28 14.05 5.59 -3.28
N ARG C 29 14.14 6.66 -4.06
CA ARG C 29 13.35 6.85 -5.28
C ARG C 29 13.34 5.56 -6.10
N ARG C 30 14.50 5.14 -6.60
CA ARG C 30 14.63 3.94 -7.40
C ARG C 30 14.74 2.68 -6.54
N ARG C 31 13.92 2.62 -5.49
CA ARG C 31 13.33 1.40 -4.95
C ARG C 31 11.83 1.52 -5.18
N ARG C 32 11.24 2.63 -4.73
CA ARG C 32 9.83 2.96 -4.91
C ARG C 32 9.39 2.83 -6.37
N ILE C 33 10.20 3.27 -7.33
CA ILE C 33 9.90 3.03 -8.74
C ILE C 33 9.84 1.53 -9.01
N GLU C 34 10.84 0.80 -8.54
CA GLU C 34 11.02 -0.63 -8.80
C GLU C 34 9.82 -1.47 -8.32
N ILE C 35 9.22 -1.08 -7.19
CA ILE C 35 7.94 -1.63 -6.74
C ILE C 35 6.94 -1.62 -7.91
N ALA C 36 6.74 -0.43 -8.47
CA ALA C 36 5.74 -0.15 -9.52
C ALA C 36 5.92 -1.15 -10.66
N HIS C 37 7.15 -1.32 -11.15
CA HIS C 37 7.44 -2.30 -12.18
C HIS C 37 7.04 -3.70 -11.70
N ALA C 38 7.58 -4.13 -10.56
CA ALA C 38 7.43 -5.49 -10.05
C ALA C 38 5.97 -5.92 -10.00
N LEU C 39 5.15 -5.13 -9.29
CA LEU C 39 3.73 -5.39 -9.14
C LEU C 39 2.96 -5.06 -10.43
N SER C 40 3.58 -4.26 -11.31
CA SER C 40 2.98 -3.75 -12.53
C SER C 40 1.74 -2.93 -12.19
N LEU C 41 1.98 -1.89 -11.39
CA LEU C 41 1.03 -0.86 -11.05
C LEU C 41 1.70 0.47 -11.40
N THR C 42 0.93 1.54 -11.52
CA THR C 42 1.48 2.85 -11.79
C THR C 42 2.18 3.37 -10.53
N GLU C 43 3.19 4.22 -10.70
CA GLU C 43 3.94 4.82 -9.62
C GLU C 43 3.00 5.45 -8.59
N ARG C 44 2.05 6.24 -9.07
CA ARG C 44 1.03 6.87 -8.25
C ARG C 44 0.41 5.81 -7.34
N GLN C 45 -0.11 4.73 -7.92
CA GLN C 45 -0.83 3.71 -7.17
C GLN C 45 -0.01 3.24 -5.97
N ILE C 46 1.26 2.92 -6.19
CA ILE C 46 2.16 2.52 -5.11
C ILE C 46 2.17 3.58 -4.02
N LYS C 47 2.36 4.85 -4.41
CA LYS C 47 2.37 5.95 -3.45
C LYS C 47 1.06 5.96 -2.66
N ILE C 48 -0.08 5.88 -3.35
CA ILE C 48 -1.39 5.94 -2.71
C ILE C 48 -1.54 4.79 -1.73
N TRP C 49 -1.23 3.56 -2.12
CA TRP C 49 -1.28 2.43 -1.20
C TRP C 49 -0.54 2.80 0.09
N PHE C 50 0.69 3.29 -0.04
CA PHE C 50 1.53 3.60 1.11
C PHE C 50 0.88 4.71 1.93
N GLN C 51 0.65 5.86 1.33
CA GLN C 51 0.16 7.04 2.02
C GLN C 51 -1.19 6.73 2.68
N ASN C 52 -2.13 6.17 1.94
CA ASN C 52 -3.44 5.78 2.46
C ASN C 52 -3.24 4.84 3.64
N ARG C 53 -2.45 3.79 3.44
CA ARG C 53 -2.21 2.81 4.48
C ARG C 53 -1.58 3.49 5.69
N ARG C 54 -0.77 4.55 5.52
CA ARG C 54 -0.28 5.32 6.67
C ARG C 54 -1.42 6.06 7.38
N MET C 55 -2.24 6.78 6.62
CA MET C 55 -3.36 7.54 7.16
C MET C 55 -4.25 6.66 8.05
N LYS C 56 -4.53 5.45 7.55
CA LYS C 56 -5.16 4.37 8.29
C LYS C 56 -4.32 4.01 9.54
N TRP C 57 -3.11 3.51 9.31
CA TRP C 57 -2.15 2.99 10.29
C TRP C 57 -1.98 3.89 11.50
N LYS C 58 -2.07 5.22 11.37
CA LYS C 58 -2.01 6.18 12.47
C LYS C 58 -2.64 5.63 13.75
N LYS C 59 -3.98 5.62 13.82
CA LYS C 59 -4.67 5.22 15.04
C LYS C 59 -4.24 3.82 15.51
N GLU C 60 -3.95 2.93 14.57
CA GLU C 60 -3.63 1.54 14.83
C GLU C 60 -2.24 1.33 15.42
N ASN C 61 -1.27 2.15 15.00
CA ASN C 61 0.14 1.76 15.02
C ASN C 61 0.98 2.82 15.73
N LYS C 62 0.52 3.28 16.89
CA LYS C 62 1.07 4.38 17.66
C LYS C 62 0.78 5.69 16.92
N THR C 63 -0.33 6.35 17.26
CA THR C 63 -0.82 7.54 16.59
C THR C 63 0.29 8.56 16.30
N LYS C 64 1.05 8.96 17.33
CA LYS C 64 1.95 10.12 17.26
C LYS C 64 1.31 11.24 16.44
N GLY C 65 0.19 11.74 16.99
CA GLY C 65 -0.63 12.78 16.42
C GLY C 65 -1.53 13.31 17.54
N GLU C 66 -2.57 14.07 17.17
CA GLU C 66 -3.45 14.80 18.06
C GLU C 66 -2.65 15.60 19.11
N PRO C 67 -1.94 16.68 18.74
CA PRO C 67 -1.22 17.53 19.68
C PRO C 67 -2.08 17.99 20.87
N GLY C 68 -3.15 18.75 20.60
CA GLY C 68 -4.03 19.30 21.61
C GLY C 68 -5.32 18.50 21.62
N MET C 1 -15.30 15.90 -13.45
CA MET C 1 -15.07 15.79 -14.90
C MET C 1 -13.64 15.31 -15.17
N ARG C 2 -13.12 14.43 -14.32
CA ARG C 2 -11.89 13.67 -14.55
C ARG C 2 -12.33 12.22 -14.77
N LYS C 3 -11.45 11.24 -14.56
CA LYS C 3 -11.87 9.85 -14.54
C LYS C 3 -12.66 9.56 -13.27
N ARG C 4 -13.96 9.90 -13.28
CA ARG C 4 -14.92 9.14 -12.49
C ARG C 4 -14.89 7.71 -13.01
N GLY C 5 -15.21 6.74 -12.15
CA GLY C 5 -15.10 5.32 -12.45
C GLY C 5 -14.00 4.74 -11.56
N ARG C 6 -14.28 4.75 -10.26
CA ARG C 6 -13.35 4.45 -9.18
C ARG C 6 -12.65 3.11 -9.41
N GLN C 7 -11.34 3.11 -9.18
CA GLN C 7 -10.49 1.93 -9.07
C GLN C 7 -11.05 1.07 -7.94
N THR C 8 -11.21 -0.22 -8.18
CA THR C 8 -11.50 -1.18 -7.14
C THR C 8 -10.40 -2.23 -7.17
N TYR C 9 -9.44 -2.08 -6.27
CA TYR C 9 -8.45 -3.13 -6.02
C TYR C 9 -9.21 -4.34 -5.49
N THR C 10 -8.72 -5.55 -5.77
CA THR C 10 -9.42 -6.78 -5.42
C THR C 10 -9.21 -7.08 -3.93
N ARG C 11 -9.03 -8.35 -3.55
CA ARG C 11 -8.43 -8.69 -2.26
C ARG C 11 -6.98 -9.04 -2.50
N TYR C 12 -6.71 -9.88 -3.51
CA TYR C 12 -5.36 -10.28 -3.89
C TYR C 12 -4.46 -9.06 -4.08
N GLN C 13 -4.86 -8.08 -4.88
CA GLN C 13 -4.00 -6.93 -5.14
C GLN C 13 -3.63 -6.25 -3.82
N THR C 14 -4.63 -6.10 -2.95
CA THR C 14 -4.47 -5.50 -1.63
C THR C 14 -3.60 -6.38 -0.71
N LEU C 15 -3.62 -7.71 -0.87
CA LEU C 15 -2.92 -8.68 -0.04
C LEU C 15 -1.42 -8.36 0.11
N GLU C 16 -0.64 -8.54 -0.96
CA GLU C 16 0.80 -8.41 -0.83
C GLU C 16 1.19 -7.01 -0.38
N LEU C 17 0.38 -6.01 -0.72
CA LEU C 17 0.60 -4.65 -0.30
C LEU C 17 0.47 -4.53 1.23
N GLU C 18 -0.47 -5.23 1.87
CA GLU C 18 -0.49 -5.29 3.33
C GLU C 18 0.79 -5.94 3.85
N LYS C 19 1.19 -7.07 3.27
CA LYS C 19 2.43 -7.74 3.66
C LYS C 19 3.59 -6.74 3.58
N GLU C 20 3.72 -6.04 2.45
CA GLU C 20 4.83 -5.14 2.17
C GLU C 20 4.77 -3.96 3.13
N PHE C 21 3.72 -3.15 3.13
CA PHE C 21 3.67 -1.90 3.92
C PHE C 21 3.88 -2.14 5.41
N HIS C 22 3.29 -3.21 5.97
CA HIS C 22 3.49 -3.48 7.39
C HIS C 22 4.93 -3.90 7.68
N PHE C 23 5.72 -4.26 6.66
CA PHE C 23 7.14 -4.59 6.80
C PHE C 23 7.99 -3.39 6.38
N ASN C 24 8.02 -3.12 5.08
CA ASN C 24 8.85 -2.15 4.40
C ASN C 24 8.10 -0.83 4.36
N ARG C 25 8.42 0.05 5.29
CA ARG C 25 7.85 1.38 5.36
C ARG C 25 8.42 2.20 4.20
N TYR C 26 9.75 2.30 4.16
CA TYR C 26 10.44 2.95 3.07
C TYR C 26 10.57 1.93 1.94
N LEU C 27 10.11 2.31 0.76
CA LEU C 27 10.06 1.52 -0.45
C LEU C 27 10.96 2.22 -1.47
N THR C 28 11.99 1.54 -1.96
CA THR C 28 12.91 2.15 -2.93
C THR C 28 12.17 2.37 -4.25
N ARG C 29 12.69 3.26 -5.09
CA ARG C 29 12.17 3.51 -6.43
C ARG C 29 12.11 2.18 -7.19
N ARG C 30 13.24 1.46 -7.25
CA ARG C 30 13.31 0.16 -7.88
C ARG C 30 12.16 -0.73 -7.40
N ARG C 31 12.10 -1.02 -6.10
CA ARG C 31 11.10 -1.94 -5.59
C ARG C 31 9.70 -1.44 -5.94
N ARG C 32 9.40 -0.15 -5.79
CA ARG C 32 8.10 0.39 -6.14
C ARG C 32 7.74 0.10 -7.60
N ILE C 33 8.67 0.36 -8.52
CA ILE C 33 8.50 -0.01 -9.92
C ILE C 33 8.18 -1.50 -10.05
N GLU C 34 8.97 -2.35 -9.40
CA GLU C 34 8.79 -3.79 -9.47
C GLU C 34 7.40 -4.22 -8.97
N ILE C 35 7.00 -3.75 -7.78
CA ILE C 35 5.67 -3.92 -7.21
C ILE C 35 4.64 -3.53 -8.26
N ALA C 36 4.75 -2.30 -8.75
CA ALA C 36 3.84 -1.74 -9.73
C ALA C 36 3.69 -2.67 -10.94
N HIS C 37 4.79 -3.15 -11.51
CA HIS C 37 4.74 -4.05 -12.65
C HIS C 37 4.18 -5.41 -12.30
N ALA C 38 4.49 -5.91 -11.10
CA ALA C 38 4.08 -7.22 -10.62
C ALA C 38 2.56 -7.26 -10.50
N LEU C 39 2.00 -6.33 -9.73
CA LEU C 39 0.56 -6.20 -9.55
C LEU C 39 -0.10 -5.59 -10.79
N SER C 40 0.65 -4.93 -11.66
CA SER C 40 0.13 -4.24 -12.83
C SER C 40 -0.75 -3.07 -12.38
N LEU C 41 -0.09 -2.07 -11.77
CA LEU C 41 -0.66 -0.83 -11.27
C LEU C 41 0.33 0.27 -11.67
N THR C 42 -0.04 1.55 -11.54
CA THR C 42 0.91 2.64 -11.74
C THR C 42 1.80 2.77 -10.51
N GLU C 43 2.98 3.39 -10.65
CA GLU C 43 3.78 3.77 -9.49
C GLU C 43 2.92 4.63 -8.56
N ARG C 44 2.13 5.55 -9.12
CA ARG C 44 1.23 6.40 -8.37
C ARG C 44 0.38 5.54 -7.46
N GLN C 45 -0.31 4.54 -7.99
CA GLN C 45 -1.18 3.72 -7.16
C GLN C 45 -0.40 3.12 -5.98
N ILE C 46 0.81 2.60 -6.20
CA ILE C 46 1.60 2.09 -5.08
C ILE C 46 1.89 3.20 -4.07
N LYS C 47 2.42 4.33 -4.54
CA LYS C 47 2.71 5.53 -3.77
C LYS C 47 1.51 5.85 -2.88
N ILE C 48 0.35 6.08 -3.50
CA ILE C 48 -0.92 6.39 -2.86
C ILE C 48 -1.30 5.34 -1.84
N TRP C 49 -1.31 4.07 -2.21
CA TRP C 49 -1.72 3.00 -1.33
C TRP C 49 -0.93 3.06 -0.02
N PHE C 50 0.40 3.07 -0.13
CA PHE C 50 1.31 3.09 1.01
C PHE C 50 1.09 4.36 1.84
N GLN C 51 1.14 5.51 1.16
CA GLN C 51 0.92 6.83 1.73
C GLN C 51 -0.35 6.81 2.56
N ASN C 52 -1.48 6.53 1.91
CA ASN C 52 -2.81 6.48 2.49
C ASN C 52 -2.82 5.69 3.79
N ARG C 53 -2.28 4.47 3.75
CA ARG C 53 -2.19 3.63 4.93
C ARG C 53 -1.53 4.37 6.10
N ARG C 54 -0.41 5.06 5.91
CA ARG C 54 0.32 5.72 7.00
C ARG C 54 -0.59 6.62 7.86
N MET C 55 -1.46 7.40 7.23
CA MET C 55 -2.32 8.34 7.92
C MET C 55 -3.20 7.55 8.89
N LYS C 56 -3.89 6.56 8.35
CA LYS C 56 -4.92 5.82 9.06
C LYS C 56 -4.25 4.95 10.14
N TRP C 57 -3.22 4.23 9.73
CA TRP C 57 -2.32 3.43 10.57
C TRP C 57 -1.94 4.15 11.86
N LYS C 58 -1.73 5.46 11.81
CA LYS C 58 -1.39 6.24 13.00
C LYS C 58 -2.37 5.94 14.14
N LYS C 59 -3.67 5.96 13.87
CA LYS C 59 -4.68 5.62 14.86
C LYS C 59 -4.56 4.14 15.23
N GLU C 60 -4.46 3.27 14.23
CA GLU C 60 -4.41 1.81 14.39
C GLU C 60 -3.14 1.31 15.11
N ASN C 61 -2.30 2.19 15.64
CA ASN C 61 -0.91 1.93 16.02
C ASN C 61 -0.68 0.69 16.85
N LYS C 62 -1.68 0.30 17.66
CA LYS C 62 -1.68 -0.93 18.43
C LYS C 62 -1.24 -2.15 17.62
N THR C 63 -1.40 -2.11 16.29
CA THR C 63 -1.13 -3.18 15.35
C THR C 63 -2.38 -4.07 15.32
N LYS C 64 -2.76 -4.58 14.13
CA LYS C 64 -3.78 -5.61 14.06
C LYS C 64 -3.17 -6.88 14.66
N GLY C 65 -3.29 -7.05 15.98
CA GLY C 65 -2.86 -8.25 16.67
C GLY C 65 -3.86 -9.36 16.32
N GLU C 66 -3.77 -9.85 15.09
CA GLU C 66 -4.68 -10.77 14.45
C GLU C 66 -3.79 -11.85 13.82
N PRO C 67 -3.38 -12.88 14.57
CA PRO C 67 -2.48 -13.90 14.07
C PRO C 67 -3.19 -14.78 13.03
N GLY C 68 -2.40 -15.58 12.32
CA GLY C 68 -2.82 -16.49 11.27
C GLY C 68 -2.02 -16.14 10.02
N MET C 1 -13.99 7.51 -20.79
CA MET C 1 -12.56 7.53 -20.48
C MET C 1 -12.27 6.97 -19.09
N ARG C 2 -13.07 5.99 -18.63
CA ARG C 2 -12.99 5.32 -17.33
C ARG C 2 -13.35 6.27 -16.20
N LYS C 3 -13.73 5.71 -15.05
CA LYS C 3 -14.14 6.49 -13.89
C LYS C 3 -12.97 7.31 -13.36
N ARG C 4 -13.25 8.56 -13.02
CA ARG C 4 -12.38 9.41 -12.22
C ARG C 4 -12.15 8.73 -10.86
N GLY C 5 -11.08 9.11 -10.15
CA GLY C 5 -10.87 8.67 -8.79
C GLY C 5 -10.50 7.19 -8.70
N ARG C 6 -10.98 6.55 -7.63
CA ARG C 6 -10.74 5.16 -7.23
C ARG C 6 -10.57 4.22 -8.44
N GLN C 7 -9.55 3.36 -8.40
CA GLN C 7 -9.35 2.33 -9.42
C GLN C 7 -9.72 0.95 -8.87
N THR C 8 -10.82 0.86 -8.12
CA THR C 8 -11.40 -0.33 -7.51
C THR C 8 -10.45 -1.52 -7.44
N TYR C 9 -9.58 -1.49 -6.43
CA TYR C 9 -8.63 -2.57 -6.19
C TYR C 9 -9.44 -3.82 -5.88
N THR C 10 -9.07 -4.97 -6.43
CA THR C 10 -9.63 -6.24 -5.98
C THR C 10 -9.10 -6.51 -4.57
N ARG C 11 -9.71 -7.45 -3.85
CA ARG C 11 -9.08 -7.92 -2.62
C ARG C 11 -7.69 -8.45 -2.96
N TYR C 12 -7.59 -9.36 -3.93
CA TYR C 12 -6.35 -9.98 -4.37
C TYR C 12 -5.16 -9.00 -4.42
N GLN C 13 -5.34 -7.81 -5.00
CA GLN C 13 -4.30 -6.77 -4.95
C GLN C 13 -3.97 -6.45 -3.49
N THR C 14 -4.95 -5.90 -2.79
CA THR C 14 -4.89 -5.50 -1.38
C THR C 14 -4.23 -6.56 -0.48
N LEU C 15 -4.51 -7.84 -0.71
CA LEU C 15 -4.03 -8.94 0.12
C LEU C 15 -2.51 -8.92 0.28
N GLU C 16 -1.76 -8.90 -0.83
CA GLU C 16 -0.32 -8.94 -0.74
C GLU C 16 0.24 -7.60 -0.25
N LEU C 17 -0.47 -6.52 -0.55
CA LEU C 17 -0.13 -5.18 -0.11
C LEU C 17 -0.21 -5.08 1.43
N GLU C 18 -1.26 -5.61 2.07
CA GLU C 18 -1.28 -5.72 3.52
C GLU C 18 -0.07 -6.51 4.03
N LYS C 19 0.27 -7.60 3.34
CA LYS C 19 1.43 -8.40 3.68
C LYS C 19 2.69 -7.53 3.62
N GLU C 20 2.89 -6.75 2.55
CA GLU C 20 4.01 -5.82 2.48
C GLU C 20 3.97 -4.86 3.66
N PHE C 21 2.82 -4.22 3.95
CA PHE C 21 2.71 -3.25 5.03
C PHE C 21 3.22 -3.85 6.34
N HIS C 22 2.83 -5.10 6.63
CA HIS C 22 3.24 -5.78 7.83
C HIS C 22 4.77 -5.76 7.94
N PHE C 23 5.45 -6.28 6.92
CA PHE C 23 6.88 -6.41 6.90
C PHE C 23 7.56 -5.04 6.90
N ASN C 24 7.20 -4.15 5.97
CA ASN C 24 7.78 -2.83 5.86
C ASN C 24 6.71 -1.90 5.30
N ARG C 25 6.31 -0.89 6.06
CA ARG C 25 5.32 0.08 5.66
C ARG C 25 5.90 0.97 4.54
N TYR C 26 7.17 1.34 4.66
CA TYR C 26 7.91 1.94 3.55
C TYR C 26 8.75 0.88 2.86
N LEU C 27 8.49 0.68 1.56
CA LEU C 27 9.36 -0.05 0.65
C LEU C 27 10.50 0.88 0.22
N THR C 28 11.59 0.28 -0.28
CA THR C 28 12.72 0.92 -0.91
C THR C 28 12.46 1.01 -2.43
N ARG C 29 13.16 1.88 -3.15
CA ARG C 29 12.88 2.21 -4.54
C ARG C 29 13.51 1.18 -5.48
N ARG C 30 13.11 -0.08 -5.34
CA ARG C 30 13.28 -1.11 -6.35
C ARG C 30 12.02 -1.97 -6.23
N ARG C 31 11.83 -2.59 -5.06
CA ARG C 31 10.71 -3.46 -4.75
C ARG C 31 9.37 -2.83 -5.16
N ARG C 32 9.14 -1.55 -4.84
CA ARG C 32 7.88 -0.91 -5.15
C ARG C 32 7.60 -0.95 -6.66
N ILE C 33 8.61 -0.67 -7.48
CA ILE C 33 8.50 -0.74 -8.94
C ILE C 33 8.14 -2.18 -9.31
N GLU C 34 8.94 -3.14 -8.86
CA GLU C 34 8.70 -4.55 -9.16
C GLU C 34 7.24 -4.94 -8.85
N ILE C 35 6.67 -4.43 -7.76
CA ILE C 35 5.28 -4.64 -7.39
C ILE C 35 4.31 -3.96 -8.35
N ALA C 36 4.59 -2.72 -8.72
CA ALA C 36 3.80 -2.02 -9.74
C ALA C 36 3.65 -2.91 -10.99
N HIS C 37 4.71 -3.62 -11.38
CA HIS C 37 4.62 -4.62 -12.44
C HIS C 37 3.79 -5.82 -11.97
N ALA C 38 4.12 -6.40 -10.81
CA ALA C 38 3.48 -7.57 -10.23
C ALA C 38 1.94 -7.50 -10.32
N LEU C 39 1.36 -6.44 -9.77
CA LEU C 39 -0.09 -6.22 -9.78
C LEU C 39 -0.56 -5.54 -11.06
N SER C 40 0.36 -5.03 -11.87
CA SER C 40 0.09 -4.35 -13.12
C SER C 40 -0.69 -3.06 -12.88
N LEU C 41 -0.27 -2.31 -11.86
CA LEU C 41 -0.71 -0.94 -11.63
C LEU C 41 0.41 -0.03 -12.12
N THR C 42 0.39 1.23 -11.70
CA THR C 42 1.49 2.17 -11.90
C THR C 42 1.95 2.60 -10.50
N GLU C 43 3.17 3.13 -10.39
CA GLU C 43 3.72 3.43 -9.08
C GLU C 43 2.82 4.34 -8.25
N ARG C 44 2.19 5.37 -8.84
CA ARG C 44 1.36 6.27 -8.06
C ARG C 44 0.39 5.48 -7.19
N GLN C 45 -0.32 4.52 -7.76
CA GLN C 45 -1.24 3.68 -7.01
C GLN C 45 -0.52 3.01 -5.83
N ILE C 46 0.60 2.34 -6.09
CA ILE C 46 1.29 1.58 -5.05
C ILE C 46 1.73 2.53 -3.94
N LYS C 47 2.50 3.55 -4.30
CA LYS C 47 2.92 4.67 -3.45
C LYS C 47 1.74 5.13 -2.58
N ILE C 48 0.66 5.51 -3.25
CA ILE C 48 -0.58 5.96 -2.65
C ILE C 48 -1.06 4.99 -1.61
N TRP C 49 -1.23 3.72 -1.96
CA TRP C 49 -1.80 2.75 -1.05
C TRP C 49 -1.02 2.79 0.27
N PHE C 50 0.31 2.71 0.20
CA PHE C 50 1.16 2.75 1.38
C PHE C 50 0.94 4.06 2.14
N GLN C 51 1.11 5.20 1.48
CA GLN C 51 0.99 6.51 2.08
C GLN C 51 -0.35 6.62 2.82
N ASN C 52 -1.43 6.44 2.06
CA ASN C 52 -2.81 6.66 2.49
C ASN C 52 -3.16 5.71 3.63
N ARG C 53 -2.72 4.46 3.52
CA ARG C 53 -2.91 3.45 4.55
C ARG C 53 -2.14 3.85 5.82
N ARG C 54 -0.92 4.40 5.69
CA ARG C 54 -0.10 4.78 6.82
C ARG C 54 -0.77 5.85 7.68
N MET C 55 -1.19 6.98 7.08
CA MET C 55 -1.91 8.08 7.74
C MET C 55 -2.86 7.52 8.81
N LYS C 56 -3.69 6.60 8.36
CA LYS C 56 -4.88 6.11 9.01
C LYS C 56 -4.51 5.08 10.09
N TRP C 57 -3.52 4.26 9.79
CA TRP C 57 -2.92 3.38 10.75
C TRP C 57 -2.45 4.26 11.91
N LYS C 58 -3.14 4.02 13.02
CA LYS C 58 -3.04 4.53 14.38
C LYS C 58 -4.50 4.62 14.86
N LYS C 59 -5.28 5.59 14.39
CA LYS C 59 -6.70 5.62 14.68
C LYS C 59 -7.39 4.44 13.97
N GLU C 60 -7.46 4.44 12.64
CA GLU C 60 -8.20 3.46 11.87
C GLU C 60 -7.72 2.03 12.09
N ASN C 61 -6.50 1.86 12.59
CA ASN C 61 -5.98 0.54 12.94
C ASN C 61 -6.90 -0.19 13.92
N LYS C 62 -7.66 0.56 14.73
CA LYS C 62 -8.60 0.08 15.73
C LYS C 62 -9.43 -1.12 15.29
N THR C 63 -9.84 -1.19 14.01
CA THR C 63 -10.61 -2.31 13.48
C THR C 63 -9.96 -3.62 13.93
N LYS C 64 -8.67 -3.75 13.67
CA LYS C 64 -7.94 -4.99 13.80
C LYS C 64 -7.40 -5.13 15.23
N GLY C 65 -8.29 -4.98 16.21
CA GLY C 65 -7.98 -5.23 17.60
C GLY C 65 -7.42 -6.65 17.76
N GLU C 66 -8.03 -7.61 17.08
CA GLU C 66 -7.52 -8.97 16.99
C GLU C 66 -6.18 -8.93 16.22
N PRO C 67 -5.07 -9.38 16.82
CA PRO C 67 -3.73 -9.21 16.25
C PRO C 67 -3.57 -9.81 14.84
N GLY C 68 -4.24 -10.92 14.55
CA GLY C 68 -4.25 -11.53 13.24
C GLY C 68 -3.02 -12.42 13.08
#